data_8J6R
#
_entry.id   8J6R
#
_cell.length_a   1.00
_cell.length_b   1.00
_cell.length_c   1.00
_cell.angle_alpha   90.00
_cell.angle_beta   90.00
_cell.angle_gamma   90.00
#
_symmetry.space_group_name_H-M   'P 1'
#
loop_
_entity.id
_entity.type
_entity.pdbx_description
1 polymer 'Guanine nucleotide-binding protein G(i) subunit alpha-1'
2 polymer 'Guanine nucleotide-binding protein G(I)/G(S)/G(T) subunit beta-1'
3 polymer 'Guanine nucleotide-binding protein G(I)/G(S)/G(O) subunit gamma-2'
4 polymer 'single Fab chain (scFv16)'
5 polymer 'Hydroxycarboxylic acid receptor 2'
6 non-polymer '2-[[2,2-dimethyl-3-[3-(5-oxidanylpyridin-2-yl)-1,2,4-oxadiazol-5-yl]propanoyl]amino]cyclohexene-1-carboxylic acid'
7 non-polymer 2-acetamido-2-deoxy-beta-D-glucopyranose
8 water water
#
loop_
_entity_poly.entity_id
_entity_poly.type
_entity_poly.pdbx_seq_one_letter_code
_entity_poly.pdbx_strand_id
1 'polypeptide(L)'
;CTLSAEDKAAVERSKMIDRNLREDGEKAAREVKLLLLGAGESGKNTIVKQMKIIHEAGYSEEECKQYKAVVYSNTIQSII
AIIRAMGRLKIDFGDSARADDARQLFVLAGAAEEGFMTAELAGVIKRLWKDSGVQACFNRSREYQLNDSAAYYLNDLDRI
AQPNYIPTQQDVLRTRVKTTGIVETHFTFKDLHFKMFDVGAQRSERKKWIHCFEGVTAIIFCVALSDYDLVLAEDEEMNR
MHASMKLFDSICNNKWFTDTSIILFLNKKDLFEEKIKKSPLTICYPEYAGSNTYEEAAAYIQCQFEDLNKRKDTKEIYTH
FTCSTDTKNVQFVFDAVTDVIIKNNLKDCGLF
;
A
2 'polypeptide(L)'
;SELDQLRQEAEQLKNQIRDARKACADATLSQITNNIDPVGRIQMRTRRTLRGHLAKIYAMHWGTDSRLLVSASQDGKLII
WDSYTTNKVHAIPLRSSWVMTCAYAPSGNYVACGGLDNICSIYNLKTREGNVRVSRELAGHTGYLSCCRFLDDNQIVTSS
GDTTCALWDIETGQQTTTFTGHTGDVMSLSLAPDTRLFVSGACDASAKLWDVREGMCRQTFTGHESDINAICFFPNGNAF
ATGSDDATCRLFDLRADQELMTYSHDNIICGITSVSFSKSGRLLLAGYDDFNCNVWDALKADRAGVLAGHDNRVSCLGVT
DDGMAVATGSWDSFLKIWN
;
B
3 'polypeptide(L)' NTASIAQARKLVEQLKMEANIDRIKVSKAAADLMAYCEAHAKEDPLLTPVPASENPFR G
4 'polypeptide(L)'
;DVQLVESGGGLVQPGGSRKLSCSASGFAFSSFGMHWVRQAPEKGLEWVAYISSGSGTIYYADTVKGRFTISRDDPKNTLF
LQMTSLRSEDTAMYYCVRSIYYYGSSPFDFWGQGTTLTVSSGGGGSGGGGSGGGGSDIVMTQATSSVPVTPGESVSISCR
SSKSLLHSNGNTYLYWFLQRPGQSPQLLIYRMSNLASGVPDRFSGSGSGTAFTLTISRLEAEDVGVYYCMQHLEYPLTFG
AGTKLELKGS
;
S
5 'polypeptide(L)'
;DHFLEIDKKNCCVFRDDFIVKVLPPVLGLEFIFGLLGNGLALWIFCFHLKSWKSSRIFLFNLAVADFLLIICLPFLMDNY
VRRWDWKFGDIPCRLMLFMLAMNRQGSIIFLTVVAVDRYFRVVHPHHALNKISNRTAAIISCLLWGITIGLTVHLLKKKM
PIQNGGANLCSSFSICHTFQWHEAMFLLEFFLPLGIILFCSARIIWSLRQRQMDRHAKIKRAITFIMVVAIVFVICFLPS
VVVRIRIFWLLHTSGTQNCEVYRSVDLAFFITLSFTYMNSMLDPVVYYFSSPSFN
;
R
#
loop_
_chem_comp.id
_chem_comp.type
_chem_comp.name
_chem_comp.formula
FI7 non-polymer '2-[[2,2-dimethyl-3-[3-(5-oxidanylpyridin-2-yl)-1,2,4-oxadiazol-5-yl]propanoyl]amino]cyclohexene-1-carboxylic acid' 'C19 H22 N4 O5'
NAG D-saccharide, beta linking 2-acetamido-2-deoxy-beta-D-glucopyranose 'C8 H15 N O6'
#
# COMPACT_ATOMS: atom_id res chain seq x y z
N CYS A 1 0.93 -20.38 22.01
CA CYS A 1 2.25 -19.94 21.58
C CYS A 1 2.61 -18.59 22.20
N THR A 2 2.66 -18.56 23.52
CA THR A 2 2.97 -17.35 24.30
C THR A 2 2.04 -16.19 23.94
N LEU A 3 0.77 -16.51 23.71
CA LEU A 3 -0.25 -15.53 23.40
C LEU A 3 -1.50 -15.80 24.20
N SER A 4 -2.14 -14.73 24.66
CA SER A 4 -3.40 -14.86 25.38
C SER A 4 -4.55 -15.09 24.40
N ALA A 5 -5.72 -15.41 24.97
CA ALA A 5 -6.91 -15.59 24.13
C ALA A 5 -7.29 -14.29 23.43
N GLU A 6 -7.25 -13.17 24.16
CA GLU A 6 -7.58 -11.89 23.57
C GLU A 6 -6.55 -11.47 22.51
N ASP A 7 -5.27 -11.80 22.74
CA ASP A 7 -4.25 -11.50 21.74
C ASP A 7 -4.48 -12.28 20.46
N LYS A 8 -4.82 -13.57 20.58
CA LYS A 8 -5.10 -14.38 19.40
C LYS A 8 -6.35 -13.89 18.68
N ALA A 9 -7.37 -13.47 19.43
CA ALA A 9 -8.57 -12.92 18.79
C ALA A 9 -8.26 -11.62 18.07
N ALA A 10 -7.39 -10.78 18.65
CA ALA A 10 -6.97 -9.56 17.97
C ALA A 10 -6.19 -9.87 16.71
N VAL A 11 -5.36 -10.93 16.73
CA VAL A 11 -4.65 -11.34 15.54
C VAL A 11 -5.62 -11.79 14.46
N GLU A 12 -6.66 -12.53 14.85
CA GLU A 12 -7.68 -12.96 13.89
C GLU A 12 -8.41 -11.76 13.29
N ARG A 13 -8.72 -10.77 14.11
CA ARG A 13 -9.32 -9.53 13.61
C ARG A 13 -8.40 -8.83 12.61
N SER A 14 -7.10 -8.80 12.92
CA SER A 14 -6.14 -8.20 12.00
C SER A 14 -6.09 -8.95 10.67
N LYS A 15 -6.18 -10.29 10.73
CA LYS A 15 -6.18 -11.06 9.49
C LYS A 15 -7.43 -10.78 8.65
N MET A 16 -8.59 -10.67 9.30
CA MET A 16 -9.82 -10.34 8.57
C MET A 16 -9.72 -8.96 7.94
N ILE A 17 -9.14 -8.00 8.67
CA ILE A 17 -8.93 -6.67 8.11
C ILE A 17 -7.99 -6.74 6.91
N ASP A 18 -6.93 -7.53 7.01
CA ASP A 18 -6.02 -7.70 5.88
C ASP A 18 -6.74 -8.25 4.66
N ARG A 19 -7.62 -9.23 4.87
CA ARG A 19 -8.39 -9.80 3.77
C ARG A 19 -9.29 -8.75 3.12
N ASN A 20 -9.95 -7.93 3.94
CA ASN A 20 -10.83 -6.89 3.39
C ASN A 20 -10.04 -5.87 2.57
N LEU A 21 -8.89 -5.42 3.08
CA LEU A 21 -8.04 -4.51 2.31
C LEU A 21 -7.53 -5.15 1.02
N ARG A 22 -7.18 -6.43 1.06
CA ARG A 22 -6.76 -7.10 -0.17
C ARG A 22 -7.88 -7.12 -1.20
N GLU A 23 -9.10 -7.45 -0.76
CA GLU A 23 -10.23 -7.47 -1.67
C GLU A 23 -10.48 -6.10 -2.28
N ASP A 24 -10.45 -5.05 -1.46
CA ASP A 24 -10.61 -3.71 -1.98
C ASP A 24 -9.46 -3.30 -2.91
N GLY A 25 -8.25 -3.78 -2.63
CA GLY A 25 -7.12 -3.46 -3.48
C GLY A 25 -7.24 -4.04 -4.88
N GLU A 26 -7.54 -5.33 -4.98
CA GLU A 26 -7.76 -5.84 -6.33
C GLU A 26 -9.12 -5.43 -6.91
N LYS A 27 -10.03 -4.88 -6.11
CA LYS A 27 -11.22 -4.29 -6.69
C LYS A 27 -10.91 -2.96 -7.36
N ALA A 28 -10.08 -2.12 -6.73
CA ALA A 28 -9.76 -0.81 -7.25
C ALA A 28 -8.56 -0.81 -8.19
N ALA A 29 -7.84 -1.92 -8.31
CA ALA A 29 -6.69 -1.98 -9.22
C ALA A 29 -7.09 -2.22 -10.67
N ARG A 30 -8.35 -2.55 -10.93
CA ARG A 30 -8.84 -2.80 -12.28
C ARG A 30 -9.70 -1.67 -12.81
N GLU A 31 -9.70 -0.52 -12.15
CA GLU A 31 -10.46 0.64 -12.60
C GLU A 31 -9.53 1.64 -13.26
N VAL A 32 -9.91 2.10 -14.45
CA VAL A 32 -9.10 3.08 -15.17
C VAL A 32 -9.35 4.47 -14.58
N LYS A 33 -8.27 5.15 -14.22
CA LYS A 33 -8.35 6.49 -13.63
C LYS A 33 -7.93 7.52 -14.67
N LEU A 34 -8.79 8.49 -14.91
CA LEU A 34 -8.53 9.58 -15.84
C LEU A 34 -8.57 10.90 -15.11
N LEU A 35 -7.71 11.83 -15.51
CA LEU A 35 -7.62 13.15 -14.91
C LEU A 35 -8.02 14.18 -15.96
N LEU A 36 -9.00 15.01 -15.63
CA LEU A 36 -9.56 15.98 -16.56
C LEU A 36 -9.10 17.38 -16.20
N LEU A 37 -8.59 18.11 -17.20
CA LEU A 37 -8.21 19.50 -17.04
C LEU A 37 -8.74 20.32 -18.20
N GLY A 38 -8.87 21.63 -17.96
CA GLY A 38 -9.35 22.55 -18.96
C GLY A 38 -9.27 23.99 -18.48
N ALA A 39 -8.90 24.89 -19.37
CA ALA A 39 -8.76 26.30 -19.00
C ALA A 39 -10.14 26.94 -18.85
N GLY A 40 -10.47 27.33 -17.63
CA GLY A 40 -11.77 27.94 -17.38
C GLY A 40 -12.90 26.95 -17.65
N GLU A 41 -13.92 27.42 -18.37
CA GLU A 41 -15.04 26.59 -18.78
C GLU A 41 -15.00 26.50 -20.30
N SER A 42 -14.20 25.55 -20.81
CA SER A 42 -14.07 25.33 -22.24
C SER A 42 -14.99 24.24 -22.75
N GLY A 43 -14.82 23.02 -22.24
CA GLY A 43 -15.65 21.90 -22.65
C GLY A 43 -15.91 20.93 -21.51
N LYS A 44 -15.72 21.39 -20.28
CA LYS A 44 -15.92 20.53 -19.12
C LYS A 44 -17.35 20.06 -19.01
N ASN A 45 -18.30 20.99 -19.04
CA ASN A 45 -19.71 20.63 -18.88
C ASN A 45 -20.19 19.77 -20.04
N THR A 46 -19.76 20.10 -21.26
CA THR A 46 -20.17 19.32 -22.43
C THR A 46 -19.65 17.89 -22.33
N ILE A 47 -18.39 17.71 -21.94
CA ILE A 47 -17.82 16.37 -21.90
C ILE A 47 -18.37 15.58 -20.72
N VAL A 48 -18.80 16.25 -19.64
CA VAL A 48 -19.46 15.54 -18.56
C VAL A 48 -20.86 15.10 -18.98
N LYS A 49 -21.62 15.99 -19.61
CA LYS A 49 -22.98 15.65 -19.99
C LYS A 49 -23.02 14.65 -21.15
N GLN A 50 -21.96 14.59 -21.96
CA GLN A 50 -21.92 13.62 -23.05
C GLN A 50 -21.69 12.19 -22.56
N MET A 51 -21.38 12.01 -21.28
CA MET A 51 -21.16 10.68 -20.71
C MET A 51 -22.30 10.24 -19.80
N LYS A 52 -23.47 10.87 -19.93
CA LYS A 52 -24.63 10.51 -19.13
C LYS A 52 -25.47 9.45 -19.84
N THR A 180 -16.67 20.56 -2.61
CA THR A 180 -16.44 21.87 -3.20
C THR A 180 -15.08 21.93 -3.91
N GLY A 181 -14.38 20.81 -3.91
CA GLY A 181 -13.07 20.73 -4.53
C GLY A 181 -13.02 19.75 -5.68
N ILE A 182 -12.37 18.61 -5.46
CA ILE A 182 -12.26 17.60 -6.50
C ILE A 182 -13.63 16.95 -6.72
N VAL A 183 -13.94 16.68 -7.98
CA VAL A 183 -15.21 16.06 -8.37
C VAL A 183 -14.89 14.78 -9.13
N GLU A 184 -15.48 13.68 -8.70
CA GLU A 184 -15.27 12.38 -9.33
C GLU A 184 -16.55 11.94 -10.05
N THR A 185 -16.36 11.25 -11.17
CA THR A 185 -17.46 10.78 -12.00
C THR A 185 -17.25 9.30 -12.32
N HIS A 186 -18.30 8.51 -12.15
CA HIS A 186 -18.25 7.08 -12.41
C HIS A 186 -19.04 6.76 -13.67
N PHE A 187 -18.43 5.98 -14.57
CA PHE A 187 -19.15 5.47 -15.73
C PHE A 187 -18.44 4.23 -16.24
N THR A 188 -19.23 3.29 -16.75
CA THR A 188 -18.72 2.04 -17.30
C THR A 188 -18.99 1.99 -18.79
N PHE A 189 -18.11 1.32 -19.52
CA PHE A 189 -18.22 1.21 -20.97
C PHE A 189 -17.52 -0.06 -21.41
N LYS A 190 -18.31 -1.04 -21.88
CA LYS A 190 -17.81 -2.34 -22.31
C LYS A 190 -16.99 -3.02 -21.21
N ASP A 191 -17.65 -3.26 -20.08
CA ASP A 191 -17.08 -3.97 -18.93
C ASP A 191 -15.79 -3.32 -18.45
N LEU A 192 -15.77 -1.99 -18.42
CA LEU A 192 -14.60 -1.24 -17.99
C LEU A 192 -15.08 -0.01 -17.22
N HIS A 193 -14.84 0.00 -15.91
CA HIS A 193 -15.23 1.12 -15.08
C HIS A 193 -14.19 2.22 -15.15
N PHE A 194 -14.64 3.47 -15.06
CA PHE A 194 -13.78 4.62 -15.23
C PHE A 194 -13.88 5.56 -14.03
N LYS A 195 -12.76 6.19 -13.73
CA LYS A 195 -12.62 7.13 -12.61
C LYS A 195 -12.12 8.45 -13.19
N MET A 196 -13.01 9.42 -13.36
CA MET A 196 -12.66 10.71 -13.93
C MET A 196 -12.71 11.78 -12.85
N PHE A 197 -11.57 12.44 -12.63
CA PHE A 197 -11.43 13.44 -11.58
C PHE A 197 -11.32 14.83 -12.19
N ASP A 198 -12.08 15.77 -11.66
CA ASP A 198 -12.09 17.14 -12.13
C ASP A 198 -11.50 18.05 -11.06
N VAL A 199 -10.52 18.87 -11.44
CA VAL A 199 -9.78 19.68 -10.50
C VAL A 199 -10.09 21.17 -10.70
N GLY A 200 -11.26 21.48 -11.24
CA GLY A 200 -11.64 22.87 -11.39
C GLY A 200 -11.98 23.51 -10.05
N ALA A 201 -11.99 24.85 -10.06
CA ALA A 201 -12.25 25.68 -8.89
C ALA A 201 -11.27 25.42 -7.75
N GLN A 202 -10.10 24.87 -8.06
CA GLN A 202 -9.04 24.65 -7.07
C GLN A 202 -8.00 25.76 -7.27
N ARG A 203 -8.29 26.92 -6.68
CA ARG A 203 -7.43 28.10 -6.82
C ARG A 203 -6.29 27.98 -5.80
N SER A 204 -5.32 27.12 -6.14
CA SER A 204 -4.17 26.88 -5.28
C SER A 204 -2.98 26.57 -6.16
N GLU A 205 -1.81 26.46 -5.53
CA GLU A 205 -0.60 26.11 -6.26
C GLU A 205 -0.69 24.66 -6.74
N ARG A 206 -0.48 24.46 -8.03
CA ARG A 206 -0.67 23.14 -8.62
C ARG A 206 0.41 22.16 -8.16
N LYS A 207 1.64 22.64 -7.98
CA LYS A 207 2.76 21.76 -7.64
C LYS A 207 2.62 21.13 -6.27
N LYS A 208 1.72 21.61 -5.42
CA LYS A 208 1.55 21.07 -4.09
C LYS A 208 0.57 19.90 -4.03
N TRP A 209 -0.16 19.62 -5.12
CA TRP A 209 -1.08 18.50 -5.14
C TRP A 209 -1.07 17.73 -6.46
N ILE A 210 -0.20 18.09 -7.41
CA ILE A 210 -0.20 17.41 -8.70
C ILE A 210 0.50 16.06 -8.65
N HIS A 211 1.28 15.79 -7.60
CA HIS A 211 1.94 14.51 -7.47
C HIS A 211 1.01 13.41 -6.95
N CYS A 212 -0.23 13.76 -6.59
CA CYS A 212 -1.20 12.76 -6.18
C CYS A 212 -1.77 12.01 -7.38
N PHE A 213 -1.53 12.49 -8.59
CA PHE A 213 -2.06 11.88 -9.81
C PHE A 213 -0.96 11.26 -10.66
N GLU A 214 0.09 10.75 -10.02
CA GLU A 214 1.16 10.08 -10.76
C GLU A 214 0.68 8.81 -11.46
N GLY A 215 -0.24 8.07 -10.87
CA GLY A 215 -0.61 6.77 -11.41
C GLY A 215 -1.83 6.77 -12.30
N VAL A 216 -2.23 7.93 -12.80
CA VAL A 216 -3.39 7.98 -13.68
C VAL A 216 -3.07 7.32 -15.01
N THR A 217 -4.09 6.72 -15.62
CA THR A 217 -3.89 6.08 -16.92
C THR A 217 -3.71 7.11 -18.02
N ALA A 218 -4.48 8.20 -17.98
CA ALA A 218 -4.39 9.22 -19.02
C ALA A 218 -4.86 10.55 -18.45
N ILE A 219 -4.51 11.62 -19.16
CA ILE A 219 -4.93 12.97 -18.83
C ILE A 219 -5.79 13.50 -19.97
N ILE A 220 -7.00 13.93 -19.65
CA ILE A 220 -7.93 14.47 -20.64
C ILE A 220 -7.88 15.99 -20.56
N PHE A 221 -7.55 16.62 -21.69
CA PHE A 221 -7.37 18.06 -21.76
C PHE A 221 -8.41 18.63 -22.72
N CYS A 222 -9.17 19.61 -22.23
CA CYS A 222 -10.24 20.23 -23.01
C CYS A 222 -9.83 21.65 -23.39
N VAL A 223 -9.86 21.95 -24.69
CA VAL A 223 -9.52 23.27 -25.21
C VAL A 223 -10.67 23.72 -26.09
N ALA A 224 -11.17 24.93 -25.85
CA ALA A 224 -12.21 25.50 -26.69
C ALA A 224 -11.59 26.08 -27.95
N LEU A 225 -12.16 25.74 -29.10
CA LEU A 225 -11.66 26.27 -30.36
C LEU A 225 -12.13 27.71 -30.58
N SER A 226 -13.29 28.08 -30.07
CA SER A 226 -13.87 29.40 -30.29
C SER A 226 -13.53 30.35 -29.14
N ASP A 227 -12.23 30.52 -28.91
CA ASP A 227 -11.77 31.51 -27.93
C ASP A 227 -10.59 32.33 -28.41
N TYR A 228 -10.10 32.11 -29.63
CA TYR A 228 -8.98 32.88 -30.14
C TYR A 228 -9.33 34.35 -30.35
N ASP A 229 -10.61 34.66 -30.50
CA ASP A 229 -11.06 36.04 -30.62
C ASP A 229 -11.43 36.66 -29.28
N LEU A 230 -11.35 35.89 -28.19
CA LEU A 230 -11.85 36.33 -26.89
C LEU A 230 -10.71 36.80 -26.00
N VAL A 231 -11.07 37.64 -25.03
CA VAL A 231 -10.14 38.12 -24.03
C VAL A 231 -10.30 37.24 -22.80
N LEU A 232 -9.27 37.23 -21.94
CA LEU A 232 -9.24 36.39 -20.75
C LEU A 232 -10.25 36.88 -19.63
N ALA A 233 -11.04 37.91 -19.94
CA ALA A 233 -12.09 38.45 -19.08
C ALA A 233 -11.52 39.02 -17.78
N GLU A 234 -10.99 38.14 -16.92
CA GLU A 234 -10.38 38.62 -15.68
C GLU A 234 -9.17 39.51 -15.96
N ASP A 235 -8.37 39.15 -16.94
CA ASP A 235 -7.22 39.94 -17.35
C ASP A 235 -7.44 40.44 -18.78
N GLU A 236 -7.29 41.74 -18.98
CA GLU A 236 -7.47 42.33 -20.30
C GLU A 236 -6.22 42.15 -21.14
N GLU A 237 -6.39 42.33 -22.47
CA GLU A 237 -5.32 42.24 -23.45
C GLU A 237 -4.60 40.90 -23.40
N MET A 238 -5.35 39.83 -23.14
CA MET A 238 -4.79 38.49 -23.08
C MET A 238 -5.69 37.52 -23.83
N ASN A 239 -5.09 36.58 -24.55
CA ASN A 239 -5.82 35.62 -25.36
C ASN A 239 -6.00 34.32 -24.59
N ARG A 240 -7.20 33.76 -24.68
CA ARG A 240 -7.49 32.51 -23.98
C ARG A 240 -6.70 31.34 -24.55
N MET A 241 -6.47 31.36 -25.87
CA MET A 241 -5.74 30.27 -26.52
C MET A 241 -4.31 30.18 -26.00
N HIS A 242 -3.66 31.33 -25.80
CA HIS A 242 -2.30 31.33 -25.28
C HIS A 242 -2.25 30.79 -23.85
N ALA A 243 -3.25 31.14 -23.03
CA ALA A 243 -3.31 30.58 -21.69
C ALA A 243 -3.50 29.07 -21.71
N SER A 244 -4.36 28.59 -22.62
CA SER A 244 -4.53 27.14 -22.76
C SER A 244 -3.24 26.47 -23.21
N MET A 245 -2.49 27.12 -24.11
CA MET A 245 -1.21 26.56 -24.57
C MET A 245 -0.21 26.51 -23.43
N LYS A 246 -0.16 27.55 -22.59
CA LYS A 246 0.77 27.51 -21.46
C LYS A 246 0.38 26.43 -20.46
N LEU A 247 -0.92 26.26 -20.21
CA LEU A 247 -1.36 25.18 -19.32
C LEU A 247 -0.99 23.81 -19.89
N PHE A 248 -1.18 23.62 -21.19
CA PHE A 248 -0.80 22.36 -21.84
C PHE A 248 0.70 22.13 -21.76
N ASP A 249 1.50 23.18 -21.97
CA ASP A 249 2.95 23.06 -21.87
C ASP A 249 3.38 22.71 -20.46
N SER A 250 2.74 23.31 -19.45
CA SER A 250 3.07 22.98 -18.07
C SER A 250 2.72 21.54 -17.73
N ILE A 251 1.56 21.08 -18.19
CA ILE A 251 1.11 19.73 -17.83
C ILE A 251 1.92 18.67 -18.56
N CYS A 252 2.11 18.85 -19.88
CA CYS A 252 2.73 17.82 -20.69
C CYS A 252 4.23 17.69 -20.46
N ASN A 253 4.86 18.71 -19.87
CA ASN A 253 6.30 18.68 -19.60
C ASN A 253 6.61 18.60 -18.12
N ASN A 254 5.68 18.10 -17.32
CA ASN A 254 5.88 17.98 -15.88
C ASN A 254 6.70 16.75 -15.55
N LYS A 255 7.33 16.78 -14.37
CA LYS A 255 8.17 15.66 -13.93
C LYS A 255 7.35 14.46 -13.49
N TRP A 256 6.08 14.64 -13.15
CA TRP A 256 5.23 13.57 -12.70
C TRP A 256 4.47 12.88 -13.84
N PHE A 257 4.42 13.50 -15.02
CA PHE A 257 3.67 12.98 -16.15
C PHE A 257 4.58 12.73 -17.35
N THR A 258 5.75 12.15 -17.11
CA THR A 258 6.68 11.85 -18.20
C THR A 258 6.10 10.80 -19.14
N ASP A 259 5.52 9.74 -18.60
CA ASP A 259 5.01 8.64 -19.40
C ASP A 259 3.49 8.52 -19.34
N THR A 260 2.80 9.62 -19.08
CA THR A 260 1.34 9.64 -19.03
C THR A 260 0.81 10.24 -20.33
N SER A 261 0.03 9.46 -21.07
CA SER A 261 -0.52 9.93 -22.33
C SER A 261 -1.60 10.98 -22.10
N ILE A 262 -1.81 11.82 -23.11
CA ILE A 262 -2.74 12.94 -23.03
C ILE A 262 -3.75 12.80 -24.16
N ILE A 263 -5.03 12.86 -23.80
CA ILE A 263 -6.12 12.89 -24.77
C ILE A 263 -6.61 14.33 -24.85
N LEU A 264 -6.42 14.96 -25.99
CA LEU A 264 -6.75 16.37 -26.17
C LEU A 264 -8.09 16.49 -26.90
N PHE A 265 -9.03 17.18 -26.28
CA PHE A 265 -10.35 17.42 -26.86
C PHE A 265 -10.44 18.87 -27.30
N LEU A 266 -10.90 19.09 -28.53
CA LEU A 266 -11.09 20.43 -29.07
C LEU A 266 -12.59 20.65 -29.27
N ASN A 267 -13.16 21.47 -28.40
CA ASN A 267 -14.61 21.64 -28.30
C ASN A 267 -15.10 22.78 -29.20
N LYS A 268 -16.40 22.73 -29.50
CA LYS A 268 -17.12 23.80 -30.20
C LYS A 268 -16.52 24.07 -31.57
N LYS A 269 -16.52 23.04 -32.41
CA LYS A 269 -16.04 23.20 -33.78
C LYS A 269 -17.07 23.91 -34.65
N ASP A 270 -18.36 23.81 -34.31
CA ASP A 270 -19.38 24.50 -35.08
C ASP A 270 -19.31 26.01 -34.86
N LEU A 271 -19.12 26.43 -33.61
CA LEU A 271 -18.94 27.85 -33.32
C LEU A 271 -17.70 28.40 -33.99
N PHE A 272 -16.60 27.62 -33.98
CA PHE A 272 -15.39 28.03 -34.68
C PHE A 272 -15.63 28.15 -36.18
N GLU A 273 -16.34 27.19 -36.76
CA GLU A 273 -16.60 27.21 -38.19
C GLU A 273 -17.47 28.39 -38.59
N GLU A 274 -18.48 28.73 -37.78
CA GLU A 274 -19.33 29.86 -38.12
C GLU A 274 -18.76 31.20 -37.67
N LYS A 275 -17.70 31.21 -36.87
CA LYS A 275 -17.04 32.45 -36.49
C LYS A 275 -15.79 32.76 -37.32
N ILE A 276 -15.24 31.76 -38.02
CA ILE A 276 -14.01 31.98 -38.77
C ILE A 276 -14.25 32.77 -40.05
N LYS A 277 -15.50 32.91 -40.47
CA LYS A 277 -15.82 33.59 -41.73
C LYS A 277 -15.68 35.11 -41.65
N LYS A 278 -15.47 35.66 -40.46
CA LYS A 278 -15.37 37.11 -40.32
C LYS A 278 -14.12 37.52 -39.55
N SER A 279 -13.64 36.63 -38.69
CA SER A 279 -12.46 36.91 -37.87
C SER A 279 -11.32 36.01 -38.28
N PRO A 280 -10.28 36.53 -38.92
CA PRO A 280 -9.15 35.68 -39.31
C PRO A 280 -8.36 35.20 -38.10
N LEU A 281 -7.71 34.04 -38.27
CA LEU A 281 -6.91 33.45 -37.21
C LEU A 281 -5.61 34.22 -36.97
N THR A 282 -5.27 35.18 -37.83
CA THR A 282 -4.00 35.90 -37.71
C THR A 282 -3.93 36.73 -36.43
N ILE A 283 -5.08 37.11 -35.87
CA ILE A 283 -5.06 37.90 -34.65
C ILE A 283 -4.51 37.09 -33.48
N CYS A 284 -4.92 35.82 -33.38
CA CYS A 284 -4.35 34.94 -32.36
C CYS A 284 -2.94 34.49 -32.72
N TYR A 285 -2.72 34.12 -33.98
CA TYR A 285 -1.42 33.64 -34.44
C TYR A 285 -0.92 34.51 -35.59
N PRO A 286 -0.05 35.48 -35.33
CA PRO A 286 0.42 36.37 -36.41
C PRO A 286 1.22 35.67 -37.48
N GLU A 287 1.77 34.49 -37.21
CA GLU A 287 2.59 33.76 -38.16
C GLU A 287 1.78 32.85 -39.07
N TYR A 288 0.45 32.89 -38.98
CA TYR A 288 -0.39 32.05 -39.83
C TYR A 288 -0.30 32.52 -41.28
N ALA A 289 -0.06 31.58 -42.18
CA ALA A 289 0.05 31.85 -43.62
C ALA A 289 -0.73 30.81 -44.41
N GLY A 290 -1.96 30.54 -43.98
CA GLY A 290 -2.80 29.55 -44.61
C GLY A 290 -4.16 30.13 -44.98
N SER A 291 -4.99 29.26 -45.54
CA SER A 291 -6.34 29.65 -45.93
C SER A 291 -7.21 29.90 -44.70
N ASN A 292 -8.13 30.85 -44.83
CA ASN A 292 -9.01 31.24 -43.74
C ASN A 292 -10.30 30.42 -43.75
N THR A 293 -10.13 29.10 -43.68
CA THR A 293 -11.24 28.17 -43.62
C THR A 293 -11.00 27.17 -42.48
N TYR A 294 -11.96 26.28 -42.29
CA TYR A 294 -12.01 25.47 -41.08
C TYR A 294 -10.90 24.43 -41.03
N GLU A 295 -10.69 23.70 -42.13
CA GLU A 295 -9.84 22.51 -42.08
C GLU A 295 -8.38 22.87 -41.82
N GLU A 296 -7.83 23.81 -42.60
CA GLU A 296 -6.43 24.17 -42.42
C GLU A 296 -6.19 24.88 -41.10
N ALA A 297 -7.14 25.72 -40.66
CA ALA A 297 -6.98 26.38 -39.37
C ALA A 297 -6.99 25.38 -38.23
N ALA A 298 -7.90 24.40 -38.27
CA ALA A 298 -7.96 23.38 -37.25
C ALA A 298 -6.69 22.53 -37.26
N ALA A 299 -6.18 22.20 -38.45
CA ALA A 299 -4.95 21.44 -38.54
C ALA A 299 -3.77 22.23 -37.96
N TYR A 300 -3.73 23.53 -38.22
CA TYR A 300 -2.67 24.38 -37.69
C TYR A 300 -2.74 24.45 -36.17
N ILE A 301 -3.95 24.57 -35.61
CA ILE A 301 -4.10 24.62 -34.16
C ILE A 301 -3.68 23.29 -33.53
N GLN A 302 -4.08 22.17 -34.14
CA GLN A 302 -3.68 20.87 -33.63
C GLN A 302 -2.18 20.68 -33.69
N CYS A 303 -1.55 21.11 -34.79
CA CYS A 303 -0.09 20.99 -34.89
C CYS A 303 0.62 21.87 -33.87
N GLN A 304 0.08 23.08 -33.63
CA GLN A 304 0.71 23.97 -32.66
C GLN A 304 0.55 23.45 -31.24
N PHE A 305 -0.54 22.74 -30.94
CA PHE A 305 -0.65 22.10 -29.64
C PHE A 305 0.26 20.89 -29.53
N GLU A 306 0.42 20.13 -30.61
CA GLU A 306 1.25 18.93 -30.57
C GLU A 306 2.73 19.26 -30.51
N ASP A 307 3.14 20.41 -31.05
CA ASP A 307 4.55 20.78 -31.04
C ASP A 307 5.07 21.14 -29.66
N LEU A 308 4.18 21.35 -28.68
CA LEU A 308 4.62 21.65 -27.32
C LEU A 308 5.15 20.42 -26.59
N ASN A 309 4.94 19.22 -27.12
CA ASN A 309 5.40 18.00 -26.47
C ASN A 309 6.90 17.86 -26.66
N LYS A 310 7.65 17.92 -25.56
CA LYS A 310 9.10 17.75 -25.59
C LYS A 310 9.53 16.35 -25.19
N ARG A 311 8.59 15.43 -25.02
CA ARG A 311 8.84 14.06 -24.60
C ARG A 311 8.21 13.08 -25.58
N LYS A 312 8.48 13.31 -26.88
CA LYS A 312 7.82 12.54 -27.93
C LYS A 312 8.23 11.08 -27.94
N ASP A 313 9.34 10.72 -27.29
CA ASP A 313 9.82 9.35 -27.28
C ASP A 313 9.24 8.51 -26.16
N THR A 314 8.36 9.08 -25.33
CA THR A 314 7.82 8.32 -24.21
C THR A 314 6.31 8.44 -24.01
N LYS A 315 5.61 9.31 -24.73
CA LYS A 315 4.16 9.40 -24.62
C LYS A 315 3.59 9.99 -25.90
N GLU A 316 2.28 9.83 -26.05
CA GLU A 316 1.57 10.25 -27.25
C GLU A 316 0.44 11.21 -26.89
N ILE A 317 -0.04 11.93 -27.91
CA ILE A 317 -1.16 12.85 -27.77
C ILE A 317 -2.24 12.42 -28.75
N TYR A 318 -3.45 12.20 -28.25
CA TYR A 318 -4.59 11.83 -29.07
C TYR A 318 -5.53 13.04 -29.16
N THR A 319 -5.79 13.51 -30.36
CA THR A 319 -6.57 14.71 -30.59
C THR A 319 -7.88 14.34 -31.28
N HIS A 320 -8.99 14.83 -30.73
CA HIS A 320 -10.32 14.57 -31.27
C HIS A 320 -11.12 15.84 -31.30
N PHE A 321 -11.85 16.05 -32.39
CA PHE A 321 -12.81 17.14 -32.50
C PHE A 321 -14.14 16.65 -31.94
N THR A 322 -14.58 17.25 -30.83
CA THR A 322 -15.57 16.65 -29.96
C THR A 322 -16.85 17.47 -29.84
N CYS A 323 -17.22 18.15 -30.92
CA CYS A 323 -18.55 18.77 -31.00
C CYS A 323 -19.52 17.84 -31.72
N SER A 324 -19.65 16.64 -31.18
CA SER A 324 -20.44 15.58 -31.78
C SER A 324 -21.63 15.24 -30.89
N THR A 325 -22.83 15.25 -31.48
CA THR A 325 -24.02 14.89 -30.74
C THR A 325 -24.04 13.41 -30.38
N ASP A 326 -23.55 12.55 -31.29
CA ASP A 326 -23.56 11.12 -31.05
C ASP A 326 -22.55 10.74 -29.97
N THR A 327 -22.66 9.50 -29.49
CA THR A 327 -21.79 9.00 -28.42
C THR A 327 -20.50 8.45 -29.02
N LYS A 328 -19.65 9.39 -29.44
CA LYS A 328 -18.35 9.06 -30.02
C LYS A 328 -17.18 9.41 -29.12
N ASN A 329 -17.34 10.39 -28.22
CA ASN A 329 -16.24 10.77 -27.33
C ASN A 329 -15.90 9.66 -26.36
N VAL A 330 -16.92 8.97 -25.84
CA VAL A 330 -16.68 7.85 -24.94
C VAL A 330 -15.93 6.75 -25.68
N GLN A 331 -16.29 6.50 -26.94
CA GLN A 331 -15.58 5.50 -27.73
C GLN A 331 -14.14 5.90 -27.97
N PHE A 332 -13.89 7.18 -28.26
CA PHE A 332 -12.52 7.65 -28.46
C PHE A 332 -11.69 7.48 -27.20
N VAL A 333 -12.29 7.80 -26.04
CA VAL A 333 -11.61 7.59 -24.77
C VAL A 333 -11.31 6.10 -24.56
N PHE A 334 -12.26 5.24 -24.92
CA PHE A 334 -12.06 3.79 -24.77
C PHE A 334 -10.90 3.30 -25.61
N ASP A 335 -10.83 3.70 -26.88
CA ASP A 335 -9.72 3.27 -27.72
C ASP A 335 -8.39 3.84 -27.23
N ALA A 336 -8.38 5.09 -26.78
CA ALA A 336 -7.13 5.66 -26.27
C ALA A 336 -6.65 4.92 -25.03
N VAL A 337 -7.55 4.59 -24.12
CA VAL A 337 -7.17 3.85 -22.92
C VAL A 337 -6.71 2.44 -23.27
N THR A 338 -7.36 1.81 -24.25
CA THR A 338 -6.92 0.48 -24.69
C THR A 338 -5.51 0.53 -25.26
N ASP A 339 -5.22 1.56 -26.07
CA ASP A 339 -3.87 1.71 -26.60
C ASP A 339 -2.84 1.94 -25.50
N VAL A 340 -3.19 2.78 -24.53
CA VAL A 340 -2.27 3.06 -23.42
C VAL A 340 -2.01 1.79 -22.62
N ILE A 341 -3.05 0.99 -22.39
CA ILE A 341 -2.89 -0.25 -21.62
C ILE A 341 -2.05 -1.26 -22.41
N ILE A 342 -2.23 -1.32 -23.73
CA ILE A 342 -1.41 -2.21 -24.55
C ILE A 342 0.06 -1.80 -24.47
N LYS A 343 0.34 -0.50 -24.56
CA LYS A 343 1.72 -0.03 -24.48
C LYS A 343 2.32 -0.29 -23.11
N ASN A 344 1.54 -0.10 -22.04
CA ASN A 344 2.03 -0.39 -20.70
C ASN A 344 2.34 -1.87 -20.52
N ASN A 345 1.45 -2.74 -21.03
CA ASN A 345 1.68 -4.17 -20.95
C ASN A 345 2.92 -4.57 -21.74
N LEU A 346 3.12 -3.96 -22.90
CA LEU A 346 4.30 -4.26 -23.70
C LEU A 346 5.58 -3.77 -23.03
N LYS A 347 5.52 -2.64 -22.31
CA LYS A 347 6.66 -2.22 -21.51
C LYS A 347 6.93 -3.21 -20.38
N ASP A 348 5.87 -3.76 -19.78
CA ASP A 348 6.05 -4.72 -18.69
C ASP A 348 6.74 -5.99 -19.17
N CYS A 349 6.41 -6.45 -20.36
CA CYS A 349 7.00 -7.67 -20.90
C CYS A 349 8.32 -7.42 -21.63
N GLY A 350 8.76 -6.16 -21.75
CA GLY A 350 10.01 -5.85 -22.37
C GLY A 350 10.00 -5.69 -23.88
N LEU A 351 8.82 -5.67 -24.50
CA LEU A 351 8.71 -5.49 -25.94
C LEU A 351 8.57 -4.02 -26.35
N PHE A 352 8.50 -3.11 -25.38
CA PHE A 352 8.30 -1.69 -25.69
C PHE A 352 9.32 -0.83 -24.98
N SER B 1 2.25 64.95 -0.76
CA SER B 1 1.08 64.23 -0.25
C SER B 1 1.50 63.18 0.76
N GLU B 2 0.54 62.70 1.55
CA GLU B 2 0.79 61.70 2.57
C GLU B 2 0.74 60.28 2.04
N LEU B 3 0.38 60.09 0.77
CA LEU B 3 0.34 58.74 0.20
C LEU B 3 1.72 58.12 0.16
N ASP B 4 2.74 58.92 -0.18
CA ASP B 4 4.12 58.42 -0.16
C ASP B 4 4.54 58.00 1.23
N GLN B 5 4.17 58.79 2.24
CA GLN B 5 4.49 58.44 3.62
C GLN B 5 3.79 57.15 4.05
N LEU B 6 2.52 57.00 3.69
CA LEU B 6 1.79 55.79 4.06
C LEU B 6 2.30 54.58 3.30
N ARG B 7 2.87 54.77 2.11
CA ARG B 7 3.48 53.67 1.39
C ARG B 7 4.82 53.29 2.00
N GLN B 8 5.62 54.28 2.40
CA GLN B 8 6.95 54.04 2.93
C GLN B 8 6.96 53.64 4.41
N GLU B 9 5.83 53.81 5.11
CA GLU B 9 5.77 53.44 6.53
C GLU B 9 5.98 51.95 6.73
N ALA B 10 5.48 51.11 5.80
CA ALA B 10 5.70 49.67 5.91
C ALA B 10 7.19 49.33 5.81
N GLU B 11 7.88 49.95 4.85
CA GLU B 11 9.32 49.72 4.71
C GLU B 11 10.08 50.24 5.92
N GLN B 12 9.66 51.39 6.47
CA GLN B 12 10.30 51.92 7.66
C GLN B 12 10.13 50.99 8.85
N LEU B 13 8.92 50.44 9.03
CA LEU B 13 8.69 49.50 10.12
C LEU B 13 9.48 48.22 9.93
N LYS B 14 9.58 47.73 8.68
CA LYS B 14 10.39 46.55 8.41
C LYS B 14 11.86 46.80 8.73
N ASN B 15 12.37 47.97 8.36
CA ASN B 15 13.76 48.31 8.66
C ASN B 15 13.99 48.43 10.16
N GLN B 16 13.03 49.01 10.89
CA GLN B 16 13.15 49.11 12.33
C GLN B 16 13.15 47.73 12.97
N ILE B 17 12.28 46.82 12.51
CA ILE B 17 12.26 45.47 13.02
C ILE B 17 13.58 44.75 12.75
N ARG B 18 14.12 44.92 11.54
CA ARG B 18 15.39 44.28 11.20
C ARG B 18 16.53 44.83 12.05
N ASP B 19 16.56 46.14 12.27
CA ASP B 19 17.61 46.74 13.08
C ASP B 19 17.51 46.28 14.53
N ALA B 20 16.30 46.20 15.08
CA ALA B 20 16.14 45.72 16.45
C ALA B 20 16.54 44.26 16.58
N ARG B 21 16.22 43.44 15.56
CA ARG B 21 16.61 42.04 15.57
C ARG B 21 18.12 41.88 15.49
N LYS B 22 18.78 42.70 14.65
CA LYS B 22 20.23 42.61 14.52
C LYS B 22 20.93 43.09 15.78
N ALA B 23 20.43 44.17 16.38
CA ALA B 23 21.04 44.70 17.60
C ALA B 23 20.82 43.78 18.80
N CYS B 24 19.89 42.84 18.70
CA CYS B 24 19.59 41.90 19.78
C CYS B 24 20.49 40.67 19.75
N ALA B 25 21.30 40.51 18.70
CA ALA B 25 22.18 39.36 18.55
C ALA B 25 23.60 39.74 18.90
N ASP B 26 24.22 38.99 19.81
CA ASP B 26 25.60 39.24 20.22
C ASP B 26 26.51 38.03 20.01
N ALA B 27 26.04 36.82 20.29
CA ALA B 27 26.84 35.62 20.13
C ALA B 27 25.99 34.51 19.54
N THR B 28 26.50 33.86 18.51
CA THR B 28 25.75 32.81 17.84
C THR B 28 25.67 31.55 18.71
N LEU B 29 24.72 30.69 18.39
CA LEU B 29 24.54 29.45 19.13
C LEU B 29 25.72 28.51 18.94
N SER B 30 26.34 28.52 17.76
CA SER B 30 27.50 27.68 17.52
C SER B 30 28.68 28.08 18.39
N GLN B 31 28.86 29.39 18.62
CA GLN B 31 29.95 29.86 19.47
C GLN B 31 29.78 29.39 20.90
N ILE B 32 28.55 29.41 21.41
CA ILE B 32 28.30 28.93 22.76
C ILE B 32 28.30 27.41 22.84
N THR B 33 28.05 26.73 21.73
CA THR B 33 27.89 25.28 21.74
C THR B 33 29.17 24.51 21.42
N ASN B 34 30.17 25.16 20.79
CA ASN B 34 31.36 24.45 20.36
C ASN B 34 32.15 23.86 21.53
N ASN B 35 31.89 24.29 22.76
CA ASN B 35 32.59 23.80 23.94
C ASN B 35 31.80 22.76 24.73
N ILE B 36 30.88 22.06 24.06
CA ILE B 36 30.14 20.97 24.71
C ILE B 36 30.36 19.70 23.90
N ASP B 37 30.12 18.57 24.56
CA ASP B 37 30.47 17.29 23.97
C ASP B 37 29.58 16.96 22.78
N PRO B 38 30.13 16.33 21.74
CA PRO B 38 29.30 15.91 20.61
C PRO B 38 28.39 14.76 20.99
N VAL B 39 27.28 14.64 20.25
CA VAL B 39 26.34 13.56 20.49
C VAL B 39 26.97 12.21 20.18
N GLY B 40 27.66 12.12 19.06
CA GLY B 40 28.27 10.88 18.62
C GLY B 40 27.64 10.37 17.33
N ARG B 41 27.73 9.05 17.16
CA ARG B 41 27.16 8.38 16.00
C ARG B 41 25.90 7.65 16.45
N ILE B 42 24.74 8.19 16.10
CA ILE B 42 23.46 7.60 16.47
C ILE B 42 23.07 6.59 15.40
N GLN B 43 22.93 5.33 15.81
CA GLN B 43 22.51 4.25 14.92
C GLN B 43 21.19 3.68 15.42
N MET B 44 20.19 3.68 14.54
CA MET B 44 18.89 3.09 14.84
C MET B 44 18.62 1.95 13.87
N ARG B 45 17.91 0.93 14.35
CA ARG B 45 17.59 -0.25 13.57
C ARG B 45 16.08 -0.38 13.45
N THR B 46 15.63 -0.77 12.25
CA THR B 46 14.21 -0.97 12.02
C THR B 46 13.71 -2.17 12.82
N ARG B 47 12.77 -1.92 13.73
CA ARG B 47 12.28 -2.97 14.62
C ARG B 47 10.94 -3.53 14.18
N ARG B 48 10.08 -2.72 13.58
CA ARG B 48 8.80 -3.17 13.06
C ARG B 48 8.61 -2.60 11.65
N THR B 49 7.90 -3.36 10.82
CA THR B 49 7.54 -2.92 9.47
C THR B 49 6.06 -3.16 9.28
N LEU B 50 5.27 -2.09 9.28
CA LEU B 50 3.82 -2.18 9.17
C LEU B 50 3.43 -2.20 7.70
N ARG B 51 2.82 -3.30 7.27
CA ARG B 51 2.40 -3.50 5.90
C ARG B 51 0.88 -3.58 5.81
N GLY B 52 0.35 -3.21 4.65
CA GLY B 52 -1.08 -3.25 4.43
C GLY B 52 -1.61 -2.12 3.59
N HIS B 53 -0.92 -0.98 3.59
CA HIS B 53 -1.27 0.11 2.69
C HIS B 53 -0.85 -0.24 1.27
N LEU B 54 -1.63 0.23 0.30
CA LEU B 54 -1.43 -0.13 -1.11
C LEU B 54 -1.13 1.06 -1.99
N ALA B 55 -0.95 2.25 -1.42
CA ALA B 55 -0.57 3.43 -2.19
C ALA B 55 0.36 4.28 -1.34
N LYS B 56 0.58 5.51 -1.79
CA LYS B 56 1.52 6.40 -1.12
C LYS B 56 0.97 6.83 0.23
N ILE B 57 1.77 6.64 1.28
CA ILE B 57 1.38 7.11 2.61
C ILE B 57 1.69 8.59 2.71
N TYR B 58 0.67 9.38 3.03
CA TYR B 58 0.82 10.83 3.02
C TYR B 58 0.97 11.45 4.41
N ALA B 59 0.51 10.76 5.46
CA ALA B 59 0.61 11.33 6.80
C ALA B 59 0.53 10.22 7.83
N MET B 60 1.04 10.54 9.03
CA MET B 60 0.94 9.67 10.19
C MET B 60 0.82 10.53 11.44
N HIS B 61 0.34 9.92 12.52
CA HIS B 61 0.31 10.60 13.81
C HIS B 61 0.32 9.56 14.92
N TRP B 62 1.09 9.83 15.97
CA TRP B 62 1.17 8.95 17.12
C TRP B 62 0.06 9.26 18.11
N GLY B 63 -0.36 8.23 18.84
CA GLY B 63 -1.24 8.44 19.97
C GLY B 63 -0.48 8.86 21.21
N THR B 64 -1.20 9.42 22.16
CA THR B 64 -0.56 9.89 23.39
C THR B 64 -0.08 8.76 24.28
N ASP B 65 -0.50 7.52 24.02
CA ASP B 65 -0.03 6.36 24.78
C ASP B 65 1.23 5.74 24.19
N SER B 66 1.77 6.32 23.13
CA SER B 66 2.99 5.87 22.46
C SER B 66 2.89 4.44 21.95
N ARG B 67 1.68 3.97 21.69
CA ARG B 67 1.47 2.62 21.20
C ARG B 67 0.62 2.57 19.93
N LEU B 68 -0.40 3.42 19.84
CA LEU B 68 -1.35 3.38 18.73
C LEU B 68 -0.98 4.44 17.70
N LEU B 69 -0.94 4.02 16.44
CA LEU B 69 -0.65 4.89 15.31
C LEU B 69 -1.91 5.12 14.49
N VAL B 70 -1.84 6.11 13.60
CA VAL B 70 -2.83 6.30 12.55
C VAL B 70 -2.08 6.66 11.27
N SER B 71 -2.47 6.05 10.16
CA SER B 71 -1.81 6.26 8.89
C SER B 71 -2.85 6.50 7.81
N ALA B 72 -2.50 7.33 6.83
CA ALA B 72 -3.38 7.68 5.73
C ALA B 72 -2.67 7.42 4.41
N SER B 73 -3.39 6.84 3.46
CA SER B 73 -2.87 6.59 2.13
C SER B 73 -3.93 6.97 1.10
N GLN B 74 -3.52 7.01 -0.17
CA GLN B 74 -4.40 7.42 -1.25
C GLN B 74 -5.41 6.34 -1.63
N ASP B 75 -5.32 5.14 -1.06
CA ASP B 75 -6.37 4.14 -1.24
C ASP B 75 -7.71 4.60 -0.67
N GLY B 76 -7.69 5.54 0.26
CA GLY B 76 -8.91 5.97 0.91
C GLY B 76 -9.22 5.24 2.19
N LYS B 77 -8.21 4.79 2.92
CA LYS B 77 -8.40 4.04 4.16
C LYS B 77 -7.47 4.58 5.23
N LEU B 78 -8.01 4.80 6.43
CA LEU B 78 -7.22 5.11 7.61
C LEU B 78 -7.03 3.84 8.42
N ILE B 79 -5.79 3.52 8.73
CA ILE B 79 -5.44 2.32 9.48
C ILE B 79 -4.87 2.73 10.82
N ILE B 80 -5.41 2.19 11.90
CA ILE B 80 -4.88 2.38 13.23
C ILE B 80 -4.08 1.14 13.59
N TRP B 81 -2.78 1.32 13.82
CA TRP B 81 -1.87 0.21 14.08
C TRP B 81 -1.56 0.10 15.56
N ASP B 82 -1.36 -1.14 16.00
CA ASP B 82 -0.77 -1.43 17.30
C ASP B 82 0.72 -1.65 17.07
N SER B 83 1.53 -0.64 17.42
CA SER B 83 2.94 -0.66 17.08
C SER B 83 3.70 -1.77 17.81
N TYR B 84 3.21 -2.17 18.99
CA TYR B 84 3.93 -3.17 19.78
C TYR B 84 3.85 -4.55 19.14
N THR B 85 2.69 -4.92 18.61
CA THR B 85 2.45 -6.26 18.11
C THR B 85 2.24 -6.33 16.61
N THR B 86 2.35 -5.20 15.90
CA THR B 86 2.10 -5.11 14.46
C THR B 86 0.72 -5.66 14.12
N ASN B 87 -0.29 -4.99 14.65
CA ASN B 87 -1.68 -5.42 14.50
C ASN B 87 -2.52 -4.22 14.06
N LYS B 88 -3.59 -4.52 13.33
CA LYS B 88 -4.52 -3.52 12.86
C LYS B 88 -5.75 -3.50 13.77
N VAL B 89 -6.00 -2.36 14.39
CA VAL B 89 -7.16 -2.21 15.25
C VAL B 89 -8.40 -1.82 14.44
N HIS B 90 -8.25 -0.90 13.50
CA HIS B 90 -9.36 -0.45 12.68
C HIS B 90 -8.88 -0.18 11.26
N ALA B 91 -9.84 -0.19 10.33
CA ALA B 91 -9.59 0.18 8.93
C ALA B 91 -10.82 0.96 8.46
N ILE B 92 -10.70 2.29 8.44
CA ILE B 92 -11.83 3.18 8.20
C ILE B 92 -11.79 3.61 6.73
N PRO B 93 -12.74 3.18 5.90
CA PRO B 93 -12.81 3.71 4.54
C PRO B 93 -13.24 5.17 4.54
N LEU B 94 -12.71 5.92 3.58
CA LEU B 94 -12.96 7.35 3.47
C LEU B 94 -13.82 7.64 2.24
N ARG B 95 -14.69 8.64 2.38
CA ARG B 95 -15.52 9.06 1.24
C ARG B 95 -14.67 9.57 0.10
N SER B 96 -13.65 10.37 0.40
CA SER B 96 -12.71 10.87 -0.58
C SER B 96 -11.37 10.17 -0.39
N SER B 97 -10.83 9.62 -1.47
CA SER B 97 -9.57 8.89 -1.42
C SER B 97 -8.36 9.80 -1.47
N TRP B 98 -8.54 11.11 -1.64
CA TRP B 98 -7.44 12.06 -1.75
C TRP B 98 -7.26 12.72 -0.39
N VAL B 99 -6.39 12.14 0.43
CA VAL B 99 -6.15 12.59 1.79
C VAL B 99 -4.68 12.99 1.92
N MET B 100 -4.44 14.11 2.60
CA MET B 100 -3.09 14.59 2.84
C MET B 100 -2.67 14.59 4.30
N THR B 101 -3.62 14.55 5.23
CA THR B 101 -3.29 14.68 6.63
C THR B 101 -4.19 13.77 7.47
N CYS B 102 -3.69 13.43 8.66
CA CYS B 102 -4.44 12.65 9.64
C CYS B 102 -4.03 13.11 11.03
N ALA B 103 -4.93 12.94 11.99
CA ALA B 103 -4.69 13.37 13.35
C ALA B 103 -5.28 12.37 14.33
N TYR B 104 -4.71 12.34 15.53
CA TYR B 104 -5.16 11.47 16.61
C TYR B 104 -5.42 12.32 17.83
N ALA B 105 -6.63 12.24 18.37
CA ALA B 105 -7.00 13.04 19.53
C ALA B 105 -6.19 12.60 20.75
N PRO B 106 -5.85 13.53 21.63
CA PRO B 106 -5.13 13.15 22.86
C PRO B 106 -5.90 12.17 23.74
N SER B 107 -7.23 12.27 23.77
CA SER B 107 -8.02 11.32 24.52
C SER B 107 -8.08 9.96 23.85
N GLY B 108 -7.78 9.89 22.56
CA GLY B 108 -7.82 8.63 21.84
C GLY B 108 -9.17 8.23 21.31
N ASN B 109 -10.18 9.09 21.42
CA ASN B 109 -11.52 8.74 20.99
C ASN B 109 -11.82 9.11 19.54
N TYR B 110 -11.01 9.98 18.92
CA TYR B 110 -11.33 10.52 17.62
C TYR B 110 -10.12 10.49 16.70
N VAL B 111 -10.40 10.40 15.40
CA VAL B 111 -9.40 10.49 14.34
C VAL B 111 -9.95 11.41 13.27
N ALA B 112 -9.13 12.34 12.80
CA ALA B 112 -9.52 13.31 11.79
C ALA B 112 -8.68 13.14 10.54
N CYS B 113 -9.27 13.43 9.38
CA CYS B 113 -8.57 13.38 8.11
C CYS B 113 -9.18 14.38 7.14
N GLY B 114 -8.40 14.74 6.13
CA GLY B 114 -8.85 15.69 5.13
C GLY B 114 -7.87 15.77 3.98
N GLY B 115 -8.28 16.46 2.93
CA GLY B 115 -7.49 16.54 1.72
C GLY B 115 -8.07 17.42 0.63
N LEU B 116 -8.07 16.91 -0.61
CA LEU B 116 -8.53 17.67 -1.76
C LEU B 116 -10.03 17.93 -1.76
N ASP B 117 -10.80 17.29 -0.88
CA ASP B 117 -12.23 17.48 -0.81
C ASP B 117 -12.62 18.70 0.01
N ASN B 118 -11.65 19.43 0.55
CA ASN B 118 -11.84 20.66 1.32
C ASN B 118 -12.55 20.43 2.64
N ILE B 119 -12.65 19.18 3.09
CA ILE B 119 -13.48 18.81 4.24
C ILE B 119 -12.62 18.04 5.24
N CYS B 120 -12.71 18.42 6.51
CA CYS B 120 -12.09 17.69 7.61
C CYS B 120 -13.16 16.81 8.25
N SER B 121 -13.00 15.49 8.13
CA SER B 121 -13.95 14.53 8.66
C SER B 121 -13.45 14.03 10.01
N ILE B 122 -14.33 14.04 11.01
CA ILE B 122 -14.03 13.55 12.34
C ILE B 122 -14.68 12.17 12.51
N TYR B 123 -13.89 11.21 12.99
CA TYR B 123 -14.32 9.83 13.09
C TYR B 123 -14.36 9.41 14.56
N ASN B 124 -15.49 8.86 14.98
CA ASN B 124 -15.69 8.44 16.37
C ASN B 124 -15.22 6.99 16.51
N LEU B 125 -14.11 6.81 17.26
CA LEU B 125 -13.54 5.48 17.41
C LEU B 125 -14.31 4.61 18.40
N LYS B 126 -14.85 5.21 19.46
CA LYS B 126 -15.48 4.47 20.55
C LYS B 126 -17.00 4.66 20.44
N THR B 127 -17.65 3.72 19.76
CA THR B 127 -19.09 3.74 19.57
C THR B 127 -19.71 2.50 20.19
N ARG B 128 -20.96 2.64 20.64
CA ARG B 128 -21.64 1.52 21.29
C ARG B 128 -21.99 0.42 20.30
N GLU B 129 -22.18 0.76 19.03
CA GLU B 129 -22.57 -0.20 18.01
C GLU B 129 -21.38 -0.83 17.30
N GLY B 130 -20.15 -0.51 17.69
CA GLY B 130 -19.00 -1.29 17.31
C GLY B 130 -18.34 -0.97 15.98
N ASN B 131 -18.70 0.14 15.34
CA ASN B 131 -18.03 0.55 14.10
C ASN B 131 -17.70 2.03 14.17
N VAL B 132 -16.68 2.43 13.41
CA VAL B 132 -16.24 3.80 13.38
C VAL B 132 -17.13 4.59 12.43
N ARG B 133 -17.81 5.60 12.96
CA ARG B 133 -18.71 6.45 12.19
C ARG B 133 -18.08 7.82 11.96
N VAL B 134 -18.83 8.70 11.31
CA VAL B 134 -18.43 10.08 11.11
C VAL B 134 -19.17 10.93 12.12
N SER B 135 -18.43 11.57 13.02
CA SER B 135 -19.05 12.50 13.96
C SER B 135 -19.69 13.67 13.23
N ARG B 136 -18.91 14.34 12.38
CA ARG B 136 -19.42 15.36 11.47
C ARG B 136 -18.33 15.68 10.47
N GLU B 137 -18.72 16.42 9.43
CA GLU B 137 -17.82 16.89 8.39
C GLU B 137 -17.73 18.41 8.45
N LEU B 138 -16.52 18.92 8.56
CA LEU B 138 -16.30 20.36 8.69
C LEU B 138 -16.00 20.96 7.31
N ALA B 139 -16.87 21.86 6.87
CA ALA B 139 -16.73 22.51 5.57
C ALA B 139 -16.58 24.01 5.75
N GLY B 140 -15.87 24.65 4.82
CA GLY B 140 -15.64 26.08 4.92
C GLY B 140 -14.30 26.56 4.41
N HIS B 141 -13.39 25.65 4.07
CA HIS B 141 -12.16 26.02 3.38
C HIS B 141 -12.37 25.95 1.87
N THR B 142 -11.85 26.96 1.17
CA THR B 142 -11.93 27.02 -0.28
C THR B 142 -10.70 26.41 -0.96
N GLY B 143 -9.79 25.82 -0.18
CA GLY B 143 -8.63 25.16 -0.75
C GLY B 143 -8.36 23.87 -0.02
N TYR B 144 -7.44 23.08 -0.58
CA TYR B 144 -7.13 21.77 -0.03
C TYR B 144 -6.62 21.89 1.41
N LEU B 145 -7.06 20.96 2.24
CA LEU B 145 -6.72 20.98 3.66
C LEU B 145 -5.45 20.16 3.87
N SER B 146 -4.40 20.82 4.37
CA SER B 146 -3.07 20.23 4.41
C SER B 146 -2.65 19.71 5.77
N CYS B 147 -3.19 20.25 6.86
CA CYS B 147 -2.81 19.80 8.19
C CYS B 147 -3.96 20.02 9.15
N CYS B 148 -4.06 19.12 10.14
CA CYS B 148 -5.08 19.21 11.18
C CYS B 148 -4.49 18.71 12.48
N ARG B 149 -4.75 19.45 13.56
CA ARG B 149 -4.26 19.09 14.89
C ARG B 149 -5.36 19.29 15.90
N PHE B 150 -5.53 18.32 16.78
CA PHE B 150 -6.56 18.39 17.82
C PHE B 150 -6.05 19.19 19.00
N LEU B 151 -6.88 20.10 19.51
CA LEU B 151 -6.59 20.80 20.75
C LEU B 151 -7.18 20.07 21.94
N ASP B 152 -8.45 19.68 21.83
CA ASP B 152 -9.13 18.86 22.81
C ASP B 152 -10.17 18.02 22.06
N ASP B 153 -11.12 17.45 22.80
CA ASP B 153 -12.16 16.66 22.15
C ASP B 153 -13.19 17.50 21.42
N ASN B 154 -13.16 18.82 21.60
CA ASN B 154 -14.18 19.69 21.01
C ASN B 154 -13.63 20.73 20.05
N GLN B 155 -12.32 20.94 20.01
CA GLN B 155 -11.72 21.94 19.13
C GLN B 155 -10.66 21.29 18.25
N ILE B 156 -10.52 21.82 17.04
CA ILE B 156 -9.52 21.33 16.09
C ILE B 156 -9.14 22.49 15.18
N VAL B 157 -7.84 22.69 14.98
CA VAL B 157 -7.32 23.73 14.10
C VAL B 157 -6.93 23.08 12.77
N THR B 158 -7.34 23.70 11.67
CA THR B 158 -7.11 23.17 10.34
C THR B 158 -6.30 24.16 9.52
N SER B 159 -5.33 23.62 8.77
CA SER B 159 -4.51 24.39 7.85
C SER B 159 -4.89 24.03 6.43
N SER B 160 -5.12 25.05 5.60
CA SER B 160 -5.62 24.84 4.25
C SER B 160 -4.73 25.59 3.25
N GLY B 161 -5.01 25.37 1.97
CA GLY B 161 -4.33 26.02 0.87
C GLY B 161 -4.96 27.31 0.41
N ASP B 162 -5.93 27.84 1.16
CA ASP B 162 -6.54 29.12 0.85
C ASP B 162 -5.92 30.27 1.62
N THR B 163 -4.64 30.14 1.99
CA THR B 163 -3.89 31.14 2.74
C THR B 163 -4.58 31.50 4.05
N THR B 164 -5.10 30.50 4.74
CA THR B 164 -5.90 30.75 5.94
C THR B 164 -5.90 29.52 6.82
N CYS B 165 -5.67 29.72 8.12
CA CYS B 165 -5.86 28.70 9.14
C CYS B 165 -7.14 29.02 9.92
N ALA B 166 -7.86 27.99 10.34
CA ALA B 166 -9.14 28.16 11.01
C ALA B 166 -9.21 27.29 12.25
N LEU B 167 -9.96 27.78 13.25
CA LEU B 167 -10.20 27.06 14.49
C LEU B 167 -11.67 26.68 14.53
N TRP B 168 -11.95 25.39 14.70
CA TRP B 168 -13.30 24.85 14.57
C TRP B 168 -13.85 24.42 15.93
N ASP B 169 -15.16 24.24 15.96
CA ASP B 169 -15.88 23.72 17.12
C ASP B 169 -16.69 22.51 16.65
N ILE B 170 -16.31 21.32 17.12
CA ILE B 170 -16.92 20.10 16.62
C ILE B 170 -18.33 19.89 17.16
N GLU B 171 -18.70 20.59 18.24
CA GLU B 171 -20.06 20.47 18.74
C GLU B 171 -21.07 21.06 17.75
N THR B 172 -20.73 22.21 17.15
CA THR B 172 -21.62 22.88 16.22
C THR B 172 -21.13 22.84 14.78
N GLY B 173 -19.88 22.43 14.53
CA GLY B 173 -19.38 22.39 13.18
C GLY B 173 -19.08 23.74 12.57
N GLN B 174 -18.89 24.76 13.39
CA GLN B 174 -18.69 26.12 12.92
C GLN B 174 -17.22 26.52 13.04
N GLN B 175 -16.93 27.75 12.61
CA GLN B 175 -15.58 28.30 12.59
C GLN B 175 -15.49 29.35 13.69
N THR B 176 -14.84 29.00 14.80
CA THR B 176 -14.74 29.91 15.93
C THR B 176 -13.83 31.08 15.60
N THR B 177 -12.65 30.81 15.05
CA THR B 177 -11.67 31.86 14.76
C THR B 177 -11.05 31.61 13.39
N THR B 178 -10.80 32.69 12.67
CA THR B 178 -10.17 32.64 11.36
C THR B 178 -8.83 33.38 11.41
N PHE B 179 -7.77 32.73 10.95
CA PHE B 179 -6.43 33.29 10.97
C PHE B 179 -6.02 33.67 9.56
N THR B 180 -5.68 34.94 9.36
CA THR B 180 -5.32 35.47 8.05
C THR B 180 -4.00 36.21 8.14
N GLY B 181 -3.31 36.29 7.01
CA GLY B 181 -2.04 37.00 6.94
C GLY B 181 -1.04 36.36 6.01
N HIS B 182 -1.22 35.08 5.72
CA HIS B 182 -0.32 34.39 4.80
C HIS B 182 -0.67 34.73 3.36
N THR B 183 0.36 34.73 2.51
CA THR B 183 0.19 35.07 1.10
C THR B 183 0.03 33.84 0.21
N GLY B 184 0.78 32.78 0.48
CA GLY B 184 0.70 31.56 -0.28
C GLY B 184 0.00 30.44 0.47
N ASP B 185 0.02 29.26 -0.13
CA ASP B 185 -0.61 28.09 0.47
C ASP B 185 0.08 27.72 1.77
N VAL B 186 -0.72 27.40 2.78
CA VAL B 186 -0.22 27.05 4.11
C VAL B 186 -0.13 25.54 4.20
N MET B 187 1.07 25.03 4.47
CA MET B 187 1.35 23.60 4.33
C MET B 187 1.41 22.85 5.64
N SER B 188 2.08 23.39 6.66
CA SER B 188 2.30 22.66 7.90
C SER B 188 1.73 23.43 9.08
N LEU B 189 1.64 22.74 10.22
CA LEU B 189 1.02 23.28 11.42
C LEU B 189 1.46 22.43 12.60
N SER B 190 2.00 23.07 13.64
CA SER B 190 2.38 22.40 14.86
C SER B 190 1.86 23.18 16.07
N LEU B 191 1.45 22.44 17.10
CA LEU B 191 0.83 23.03 18.28
C LEU B 191 1.83 23.12 19.43
N ALA B 192 1.64 24.14 20.27
CA ALA B 192 2.48 24.30 21.43
C ALA B 192 2.10 23.26 22.49
N PRO B 193 3.04 22.90 23.38
CA PRO B 193 2.71 21.92 24.43
C PRO B 193 1.59 22.37 25.36
N ASP B 194 1.49 23.67 25.65
CA ASP B 194 0.45 24.16 26.54
C ASP B 194 -0.85 24.48 25.83
N THR B 195 -0.88 24.36 24.50
CA THR B 195 -2.07 24.58 23.67
C THR B 195 -2.62 26.00 23.89
N ARG B 196 -1.75 26.98 23.66
CA ARG B 196 -2.14 28.38 23.65
C ARG B 196 -1.65 29.14 22.44
N LEU B 197 -0.59 28.69 21.76
CA LEU B 197 -0.10 29.27 20.54
C LEU B 197 0.17 28.16 19.55
N PHE B 198 0.32 28.54 18.28
CA PHE B 198 0.75 27.57 17.28
C PHE B 198 1.44 28.30 16.15
N VAL B 199 2.44 27.66 15.58
CA VAL B 199 3.17 28.20 14.44
C VAL B 199 2.67 27.54 13.17
N SER B 200 2.89 28.23 12.05
CA SER B 200 2.28 27.83 10.79
C SER B 200 3.22 28.19 9.65
N GLY B 201 3.60 27.20 8.85
CA GLY B 201 4.49 27.41 7.72
C GLY B 201 3.71 27.40 6.42
N ALA B 202 4.08 28.31 5.52
CA ALA B 202 3.35 28.52 4.27
C ALA B 202 4.33 28.50 3.10
N CYS B 203 3.77 28.71 1.90
CA CYS B 203 4.55 28.69 0.66
C CYS B 203 5.12 30.05 0.29
N ASP B 204 4.92 31.07 1.13
CA ASP B 204 5.53 32.37 0.93
C ASP B 204 6.90 32.48 1.58
N ALA B 205 7.55 31.35 1.86
CA ALA B 205 8.84 31.30 2.53
C ALA B 205 8.81 32.03 3.87
N SER B 206 7.75 31.82 4.63
CA SER B 206 7.57 32.53 5.89
C SER B 206 6.79 31.65 6.86
N ALA B 207 7.02 31.87 8.15
CA ALA B 207 6.30 31.20 9.22
C ALA B 207 5.78 32.25 10.20
N LYS B 208 4.61 32.00 10.76
CA LYS B 208 3.95 32.94 11.65
C LYS B 208 3.54 32.24 12.94
N LEU B 209 3.51 33.01 14.02
CA LEU B 209 3.11 32.54 15.34
C LEU B 209 1.75 33.15 15.69
N TRP B 210 0.79 32.31 16.01
CA TRP B 210 -0.58 32.74 16.24
C TRP B 210 -0.96 32.58 17.71
N ASP B 211 -2.02 33.29 18.10
CA ASP B 211 -2.64 33.15 19.41
C ASP B 211 -4.01 32.50 19.19
N VAL B 212 -4.23 31.36 19.86
CA VAL B 212 -5.46 30.60 19.64
C VAL B 212 -6.68 31.37 20.12
N ARG B 213 -6.60 31.93 21.33
CA ARG B 213 -7.75 32.56 21.96
C ARG B 213 -7.93 34.01 21.58
N GLU B 214 -7.08 34.56 20.72
CA GLU B 214 -7.19 35.95 20.30
C GLU B 214 -7.25 36.15 18.80
N GLY B 215 -6.85 35.16 17.99
CA GLY B 215 -6.92 35.29 16.54
C GLY B 215 -6.01 36.36 15.98
N MET B 216 -4.83 36.53 16.56
CA MET B 216 -3.95 37.64 16.22
C MET B 216 -2.53 37.11 16.01
N CYS B 217 -1.93 37.49 14.88
CA CYS B 217 -0.55 37.10 14.62
C CYS B 217 0.38 37.90 15.52
N ARG B 218 1.31 37.20 16.18
CA ARG B 218 2.24 37.84 17.11
C ARG B 218 3.61 38.07 16.50
N GLN B 219 4.19 37.07 15.85
CA GLN B 219 5.51 37.18 15.25
C GLN B 219 5.51 36.54 13.87
N THR B 220 6.39 37.04 13.02
CA THR B 220 6.61 36.48 11.69
C THR B 220 8.10 36.16 11.54
N PHE B 221 8.39 35.03 10.89
CA PHE B 221 9.74 34.52 10.79
C PHE B 221 10.10 34.29 9.33
N THR B 222 11.19 34.91 8.89
CA THR B 222 11.68 34.78 7.52
C THR B 222 13.06 34.15 7.53
N GLY B 223 13.58 33.88 6.33
CA GLY B 223 14.91 33.32 6.19
C GLY B 223 15.00 32.24 5.14
N HIS B 224 13.93 31.49 4.94
CA HIS B 224 13.93 30.44 3.93
C HIS B 224 13.85 31.04 2.54
N GLU B 225 14.18 30.22 1.54
CA GLU B 225 14.17 30.63 0.15
C GLU B 225 13.17 29.86 -0.70
N SER B 226 12.32 29.05 -0.09
CA SER B 226 11.37 28.23 -0.84
C SER B 226 10.22 27.88 0.09
N ASP B 227 9.39 26.93 -0.35
CA ASP B 227 8.17 26.57 0.37
C ASP B 227 8.50 25.75 1.60
N ILE B 228 7.95 26.17 2.74
CA ILE B 228 8.10 25.42 3.98
C ILE B 228 7.10 24.27 3.99
N ASN B 229 7.59 23.05 4.18
CA ASN B 229 6.75 21.87 4.14
C ASN B 229 6.53 21.22 5.50
N ALA B 230 7.38 21.50 6.48
CA ALA B 230 7.26 20.89 7.81
C ALA B 230 7.63 21.91 8.86
N ILE B 231 7.12 21.70 10.08
CA ILE B 231 7.39 22.60 11.19
C ILE B 231 7.08 21.84 12.48
N CYS B 232 7.84 22.13 13.53
CA CYS B 232 7.71 21.38 14.78
C CYS B 232 8.28 22.20 15.94
N PHE B 233 7.54 22.25 17.05
CA PHE B 233 8.00 22.97 18.23
C PHE B 233 9.12 22.22 18.95
N PHE B 234 9.95 22.98 19.65
CA PHE B 234 10.84 22.43 20.65
C PHE B 234 10.02 21.91 21.83
N PRO B 235 10.53 20.92 22.56
CA PRO B 235 9.76 20.40 23.71
C PRO B 235 9.43 21.43 24.77
N ASN B 236 10.27 22.44 24.98
CA ASN B 236 9.96 23.45 25.97
C ASN B 236 8.99 24.51 25.46
N GLY B 237 8.72 24.54 24.15
CA GLY B 237 7.78 25.48 23.58
C GLY B 237 8.32 26.85 23.28
N ASN B 238 9.63 27.07 23.44
CA ASN B 238 10.24 28.36 23.19
C ASN B 238 11.02 28.42 21.88
N ALA B 239 10.91 27.39 21.05
CA ALA B 239 11.61 27.36 19.77
C ALA B 239 10.89 26.39 18.84
N PHE B 240 11.17 26.51 17.55
CA PHE B 240 10.61 25.61 16.56
C PHE B 240 11.56 25.49 15.38
N ALA B 241 11.42 24.39 14.65
CA ALA B 241 12.27 24.09 13.50
C ALA B 241 11.42 23.93 12.25
N THR B 242 11.93 24.40 11.12
CA THR B 242 11.20 24.40 9.87
C THR B 242 12.01 23.70 8.79
N GLY B 243 11.32 22.92 7.96
CA GLY B 243 11.93 22.27 6.81
C GLY B 243 11.31 22.80 5.53
N SER B 244 12.16 23.05 4.54
CA SER B 244 11.69 23.63 3.27
C SER B 244 12.25 22.89 2.07
N ASP B 245 12.03 23.42 0.88
CA ASP B 245 12.46 22.78 -0.36
C ASP B 245 13.86 23.20 -0.80
N ASP B 246 14.51 24.11 -0.07
CA ASP B 246 15.88 24.49 -0.38
C ASP B 246 16.91 23.60 0.30
N ALA B 247 16.50 22.39 0.70
CA ALA B 247 17.39 21.41 1.33
C ALA B 247 18.06 21.96 2.59
N THR B 248 17.26 22.62 3.42
CA THR B 248 17.81 23.30 4.59
C THR B 248 16.76 23.38 5.69
N CYS B 249 17.17 23.07 6.92
CA CYS B 249 16.35 23.27 8.11
C CYS B 249 16.86 24.47 8.88
N ARG B 250 15.93 25.26 9.41
CA ARG B 250 16.24 26.38 10.28
C ARG B 250 15.77 26.11 11.70
N LEU B 251 16.29 26.91 12.63
CA LEU B 251 15.83 26.90 14.01
C LEU B 251 15.57 28.34 14.43
N PHE B 252 14.39 28.59 14.99
CA PHE B 252 13.96 29.94 15.37
C PHE B 252 13.66 29.99 16.85
N ASP B 253 13.95 31.13 17.47
CA ASP B 253 13.64 31.37 18.87
C ASP B 253 12.55 32.42 18.98
N LEU B 254 11.49 32.09 19.73
CA LEU B 254 10.35 33.01 19.84
C LEU B 254 10.71 34.24 20.67
N ARG B 255 11.44 34.05 21.76
CA ARG B 255 11.77 35.17 22.64
C ARG B 255 12.71 36.15 21.95
N ALA B 256 13.71 35.64 21.23
CA ALA B 256 14.64 36.50 20.51
C ALA B 256 14.11 36.96 19.16
N ASP B 257 13.06 36.32 18.64
CA ASP B 257 12.45 36.66 17.35
C ASP B 257 13.50 36.63 16.23
N GLN B 258 14.26 35.54 16.19
CA GLN B 258 15.41 35.45 15.30
C GLN B 258 15.68 33.99 14.97
N GLU B 259 16.45 33.79 13.91
CA GLU B 259 16.93 32.46 13.53
C GLU B 259 18.22 32.17 14.28
N LEU B 260 18.26 31.02 14.95
CA LEU B 260 19.42 30.65 15.75
C LEU B 260 20.45 29.87 14.95
N MET B 261 20.00 28.85 14.21
CA MET B 261 20.93 27.95 13.55
C MET B 261 20.29 27.34 12.31
N THR B 262 21.10 27.10 11.30
CA THR B 262 20.69 26.51 10.04
C THR B 262 21.29 25.11 9.92
N TYR B 263 20.56 24.21 9.26
CA TYR B 263 20.98 22.82 9.08
C TYR B 263 21.00 22.51 7.59
N SER B 264 22.20 22.35 7.04
CA SER B 264 22.35 22.08 5.62
C SER B 264 23.66 21.35 5.38
N HIS B 265 23.75 20.71 4.22
CA HIS B 265 24.97 20.03 3.80
C HIS B 265 25.09 20.17 2.28
N ASP B 266 26.34 20.08 1.80
CA ASP B 266 26.58 20.23 0.37
C ASP B 266 25.95 19.08 -0.42
N ASN B 267 26.01 17.86 0.12
CA ASN B 267 25.47 16.70 -0.58
C ASN B 267 23.95 16.69 -0.63
N ILE B 268 23.28 17.50 0.18
CA ILE B 268 21.82 17.53 0.22
C ILE B 268 21.32 18.57 -0.77
N ILE B 269 20.60 18.11 -1.80
CA ILE B 269 20.04 18.98 -2.82
C ILE B 269 18.57 18.69 -3.02
N CYS B 270 17.97 17.96 -2.08
CA CYS B 270 16.57 17.55 -2.18
C CYS B 270 15.76 18.19 -1.07
N GLY B 271 14.47 18.33 -1.32
CA GLY B 271 13.58 18.99 -0.38
C GLY B 271 13.34 18.17 0.87
N ILE B 272 12.70 18.82 1.84
CA ILE B 272 12.42 18.25 3.14
C ILE B 272 10.90 18.12 3.31
N THR B 273 10.45 16.93 3.68
CA THR B 273 9.03 16.67 3.83
C THR B 273 8.56 16.65 5.27
N SER B 274 9.43 16.31 6.22
CA SER B 274 9.00 16.16 7.61
C SER B 274 10.13 16.56 8.54
N VAL B 275 9.76 17.17 9.66
CA VAL B 275 10.70 17.63 10.68
C VAL B 275 10.15 17.26 12.05
N SER B 276 10.97 16.62 12.87
CA SER B 276 10.56 16.21 14.20
C SER B 276 11.72 16.33 15.17
N PHE B 277 11.40 16.45 16.45
CA PHE B 277 12.39 16.59 17.51
C PHE B 277 12.40 15.34 18.38
N SER B 278 13.40 15.28 19.25
CA SER B 278 13.50 14.23 20.25
C SER B 278 12.84 14.69 21.55
N LYS B 279 12.82 13.81 22.54
CA LYS B 279 12.18 14.15 23.81
C LYS B 279 12.93 15.26 24.53
N SER B 280 14.26 15.22 24.51
CA SER B 280 15.07 16.26 25.14
C SER B 280 15.34 17.43 24.21
N GLY B 281 14.99 17.33 22.93
CA GLY B 281 15.26 18.39 21.97
C GLY B 281 16.65 18.40 21.40
N ARG B 282 17.51 17.45 21.78
CA ARG B 282 18.88 17.43 21.27
C ARG B 282 18.95 16.90 19.85
N LEU B 283 18.10 15.94 19.49
CA LEU B 283 18.14 15.30 18.17
C LEU B 283 16.97 15.79 17.34
N LEU B 284 17.26 16.22 16.11
CA LEU B 284 16.26 16.67 15.16
C LEU B 284 16.24 15.70 13.98
N LEU B 285 15.07 15.14 13.70
CA LEU B 285 14.90 14.17 12.63
C LEU B 285 14.20 14.83 11.46
N ALA B 286 14.77 14.68 10.26
CA ALA B 286 14.25 15.33 9.07
C ALA B 286 14.12 14.30 7.95
N GLY B 287 12.91 14.14 7.44
CA GLY B 287 12.69 13.30 6.27
C GLY B 287 12.95 14.08 4.99
N TYR B 288 13.59 13.43 4.03
CA TYR B 288 14.06 14.08 2.83
C TYR B 288 13.46 13.42 1.59
N ASP B 289 13.68 14.06 0.44
CA ASP B 289 13.19 13.57 -0.84
C ASP B 289 14.13 12.55 -1.48
N ASP B 290 15.33 12.35 -0.92
CA ASP B 290 16.29 11.39 -1.48
C ASP B 290 16.25 10.06 -0.75
N PHE B 291 15.05 9.64 -0.35
CA PHE B 291 14.65 8.29 0.09
C PHE B 291 15.07 7.98 1.52
N ASN B 292 15.70 8.88 2.25
CA ASN B 292 16.16 8.56 3.61
C ASN B 292 15.96 9.76 4.53
N CYS B 293 16.02 9.48 5.82
CA CYS B 293 15.86 10.46 6.88
C CYS B 293 17.19 10.66 7.61
N ASN B 294 17.52 11.92 7.89
CA ASN B 294 18.77 12.27 8.53
C ASN B 294 18.52 12.72 9.96
N VAL B 295 19.43 12.37 10.86
CA VAL B 295 19.36 12.75 12.26
C VAL B 295 20.40 13.83 12.50
N TRP B 296 19.97 14.98 12.99
CA TRP B 296 20.81 16.15 13.14
C TRP B 296 21.03 16.47 14.62
N ASP B 297 22.23 16.91 14.95
CA ASP B 297 22.50 17.47 16.26
C ASP B 297 21.92 18.88 16.31
N ALA B 298 20.84 19.06 17.08
CA ALA B 298 20.16 20.35 17.12
C ALA B 298 21.01 21.45 17.75
N LEU B 299 22.10 21.10 18.41
CA LEU B 299 22.97 22.09 19.04
C LEU B 299 24.30 22.27 18.33
N LYS B 300 24.88 21.20 17.79
CA LYS B 300 26.17 21.30 17.11
C LYS B 300 26.06 21.40 15.60
N ALA B 301 24.84 21.33 15.04
CA ALA B 301 24.60 21.38 13.60
C ALA B 301 25.40 20.30 12.87
N ASP B 302 25.38 19.08 13.41
CA ASP B 302 26.12 17.97 12.85
C ASP B 302 25.17 16.80 12.57
N ARG B 303 25.50 16.03 11.54
CA ARG B 303 24.73 14.84 11.18
C ARG B 303 25.14 13.71 12.11
N ALA B 304 24.20 13.26 12.94
CA ALA B 304 24.48 12.18 13.88
C ALA B 304 24.21 10.80 13.31
N GLY B 305 23.37 10.69 12.29
CA GLY B 305 23.09 9.39 11.70
C GLY B 305 22.13 9.53 10.54
N VAL B 306 21.96 8.42 9.82
CA VAL B 306 21.09 8.36 8.65
C VAL B 306 20.14 7.18 8.82
N LEU B 307 18.86 7.42 8.57
CA LEU B 307 17.83 6.39 8.69
C LEU B 307 17.45 5.95 7.26
N ALA B 308 18.21 5.00 6.73
CA ALA B 308 17.99 4.47 5.39
C ALA B 308 17.20 3.18 5.45
N GLY B 309 16.48 2.89 4.37
CA GLY B 309 15.63 1.72 4.33
C GLY B 309 14.32 1.91 3.59
N HIS B 310 14.08 3.10 3.10
CA HIS B 310 12.89 3.41 2.32
C HIS B 310 13.23 3.50 0.84
N ASP B 311 12.41 2.86 0.01
CA ASP B 311 12.63 2.83 -1.43
C ASP B 311 11.99 4.00 -2.17
N ASN B 312 11.21 4.83 -1.49
CA ASN B 312 10.57 5.98 -2.11
C ASN B 312 10.75 7.18 -1.19
N ARG B 313 10.03 8.26 -1.49
CA ARG B 313 10.19 9.50 -0.76
C ARG B 313 9.59 9.39 0.64
N VAL B 314 10.37 9.73 1.66
CA VAL B 314 9.87 9.74 3.02
C VAL B 314 8.97 10.95 3.21
N SER B 315 7.70 10.71 3.54
CA SER B 315 6.70 11.76 3.55
C SER B 315 6.21 12.14 4.94
N CYS B 316 6.53 11.37 5.97
CA CYS B 316 5.97 11.63 7.28
C CYS B 316 6.84 11.02 8.37
N LEU B 317 7.03 11.78 9.45
CA LEU B 317 7.85 11.39 10.59
C LEU B 317 7.04 11.54 11.87
N GLY B 318 7.42 10.78 12.89
CA GLY B 318 6.75 10.87 14.17
C GLY B 318 7.54 10.25 15.31
N VAL B 319 7.67 10.99 16.40
CA VAL B 319 8.37 10.53 17.59
C VAL B 319 7.35 10.40 18.73
N THR B 320 7.42 9.30 19.46
CA THR B 320 6.49 9.05 20.55
C THR B 320 6.69 10.07 21.68
N ASP B 321 5.67 10.17 22.53
CA ASP B 321 5.72 11.12 23.64
C ASP B 321 6.81 10.75 24.64
N ASP B 322 7.01 9.46 24.88
CA ASP B 322 8.08 9.02 25.77
C ASP B 322 9.42 8.92 25.06
N GLY B 323 9.48 9.18 23.75
CA GLY B 323 10.73 9.18 23.03
C GLY B 323 11.31 7.81 22.80
N MET B 324 10.51 6.75 22.93
CA MET B 324 11.05 5.40 22.78
C MET B 324 11.37 5.06 21.34
N ALA B 325 10.55 5.51 20.40
CA ALA B 325 10.69 5.11 19.00
C ALA B 325 10.35 6.26 18.08
N VAL B 326 10.83 6.16 16.84
CA VAL B 326 10.49 7.08 15.76
C VAL B 326 9.93 6.26 14.60
N ALA B 327 8.84 6.75 14.02
CA ALA B 327 8.15 6.06 12.93
C ALA B 327 8.25 6.88 11.65
N THR B 328 8.70 6.23 10.58
CA THR B 328 8.83 6.86 9.28
C THR B 328 7.88 6.21 8.30
N GLY B 329 7.17 7.02 7.53
CA GLY B 329 6.31 6.51 6.48
C GLY B 329 6.66 7.13 5.14
N SER B 330 6.79 6.30 4.13
CA SER B 330 7.25 6.74 2.82
C SER B 330 6.16 6.48 1.78
N TRP B 331 6.49 6.78 0.53
CA TRP B 331 5.58 6.58 -0.59
C TRP B 331 5.59 5.15 -1.11
N ASP B 332 6.40 4.28 -0.52
CA ASP B 332 6.43 2.86 -0.87
C ASP B 332 5.41 2.05 -0.09
N SER B 333 4.41 2.71 0.51
CA SER B 333 3.32 2.06 1.24
C SER B 333 3.82 1.25 2.42
N PHE B 334 4.84 1.76 3.11
CA PHE B 334 5.44 1.06 4.25
C PHE B 334 5.66 2.02 5.40
N LEU B 335 5.46 1.51 6.62
CA LEU B 335 5.76 2.21 7.85
C LEU B 335 6.83 1.43 8.61
N LYS B 336 7.85 2.13 9.09
CA LYS B 336 8.95 1.51 9.80
C LYS B 336 9.11 2.14 11.17
N ILE B 337 9.36 1.32 12.19
CA ILE B 337 9.59 1.76 13.56
C ILE B 337 11.07 1.56 13.89
N TRP B 338 11.66 2.55 14.55
CA TRP B 338 13.10 2.56 14.78
C TRP B 338 13.40 2.77 16.25
N ASN B 339 14.51 2.19 16.70
CA ASN B 339 15.02 2.38 18.06
C ASN B 339 16.54 2.40 18.08
N ASN C 1 -11.62 46.65 -4.84
CA ASN C 1 -10.74 47.62 -5.48
C ASN C 1 -10.63 48.89 -4.65
N THR C 2 -11.66 49.16 -3.86
CA THR C 2 -11.69 50.34 -2.99
C THR C 2 -11.18 50.05 -1.59
N ALA C 3 -10.71 48.83 -1.32
CA ALA C 3 -10.23 48.43 -0.01
C ALA C 3 -8.72 48.41 0.08
N SER C 4 -8.02 49.01 -0.89
CA SER C 4 -6.56 49.04 -0.86
C SER C 4 -6.05 49.85 0.32
N ILE C 5 -6.70 50.98 0.62
CA ILE C 5 -6.30 51.79 1.77
C ILE C 5 -6.50 51.01 3.07
N ALA C 6 -7.62 50.30 3.18
CA ALA C 6 -7.87 49.49 4.37
C ALA C 6 -6.84 48.37 4.50
N GLN C 7 -6.49 47.73 3.39
CA GLN C 7 -5.48 46.67 3.41
C GLN C 7 -4.12 47.21 3.84
N ALA C 8 -3.74 48.38 3.31
CA ALA C 8 -2.47 49.00 3.71
C ALA C 8 -2.49 49.37 5.19
N ARG C 9 -3.62 49.90 5.68
CA ARG C 9 -3.72 50.23 7.09
C ARG C 9 -3.61 48.99 7.97
N LYS C 10 -4.25 47.89 7.56
CA LYS C 10 -4.14 46.65 8.31
C LYS C 10 -2.70 46.13 8.33
N LEU C 11 -2.02 46.21 7.18
CA LEU C 11 -0.64 45.75 7.12
C LEU C 11 0.28 46.58 8.00
N VAL C 12 0.14 47.91 7.96
CA VAL C 12 1.01 48.74 8.78
C VAL C 12 0.67 48.61 10.25
N GLU C 13 -0.60 48.37 10.59
CA GLU C 13 -0.95 48.12 11.98
C GLU C 13 -0.34 46.81 12.48
N GLN C 14 -0.38 45.76 11.65
CA GLN C 14 0.24 44.50 12.01
C GLN C 14 1.74 44.65 12.19
N LEU C 15 2.39 45.39 11.28
CA LEU C 15 3.83 45.62 11.40
C LEU C 15 4.18 46.41 12.65
N LYS C 16 3.39 47.44 12.96
CA LYS C 16 3.63 48.25 14.15
C LYS C 16 3.45 47.42 15.42
N MET C 17 2.43 46.56 15.45
CA MET C 17 2.21 45.72 16.62
C MET C 17 3.28 44.65 16.76
N GLU C 18 3.80 44.14 15.63
CA GLU C 18 4.88 43.17 15.69
C GLU C 18 6.21 43.81 16.07
N ALA C 19 6.39 45.11 15.78
CA ALA C 19 7.64 45.78 16.10
C ALA C 19 7.83 45.92 17.61
N ASN C 20 6.78 46.29 18.34
CA ASN C 20 6.86 46.54 19.77
C ASN C 20 6.73 45.22 20.54
N ILE C 21 7.80 44.43 20.48
CA ILE C 21 7.87 43.14 21.16
C ILE C 21 9.18 43.09 21.94
N ASP C 22 9.09 42.75 23.23
CA ASP C 22 10.28 42.60 24.04
C ASP C 22 11.10 41.40 23.57
N ARG C 23 12.40 41.63 23.38
CA ARG C 23 13.30 40.61 22.85
C ARG C 23 14.45 40.40 23.81
N ILE C 24 14.79 39.14 24.07
CA ILE C 24 15.94 38.78 24.89
C ILE C 24 17.08 38.39 23.96
N LYS C 25 18.30 38.53 24.46
CA LYS C 25 19.49 38.31 23.65
C LYS C 25 19.61 36.84 23.24
N VAL C 26 20.27 36.63 22.10
CA VAL C 26 20.42 35.28 21.55
C VAL C 26 21.26 34.41 22.47
N SER C 27 22.17 35.01 23.23
CA SER C 27 22.97 34.23 24.18
C SER C 27 22.09 33.62 25.27
N LYS C 28 21.12 34.39 25.77
CA LYS C 28 20.22 33.88 26.81
C LYS C 28 19.38 32.72 26.28
N ALA C 29 18.83 32.86 25.08
CA ALA C 29 18.05 31.77 24.49
C ALA C 29 18.90 30.54 24.22
N ALA C 30 20.13 30.76 23.74
CA ALA C 30 21.05 29.65 23.51
C ALA C 30 21.36 28.91 24.81
N ALA C 31 21.60 29.66 25.88
CA ALA C 31 21.85 29.05 27.18
C ALA C 31 20.63 28.28 27.67
N ASP C 32 19.44 28.83 27.45
CA ASP C 32 18.22 28.15 27.88
C ASP C 32 18.02 26.84 27.13
N LEU C 33 18.22 26.83 25.82
CA LEU C 33 18.10 25.59 25.05
C LEU C 33 19.16 24.58 25.46
N MET C 34 20.40 25.04 25.67
CA MET C 34 21.46 24.13 26.10
C MET C 34 21.15 23.53 27.47
N ALA C 35 20.65 24.34 28.40
CA ALA C 35 20.31 23.84 29.73
C ALA C 35 19.16 22.84 29.67
N TYR C 36 18.15 23.11 28.83
CA TYR C 36 17.05 22.17 28.69
C TYR C 36 17.53 20.86 28.09
N CYS C 37 18.41 20.92 27.09
CA CYS C 37 18.92 19.69 26.49
C CYS C 37 19.77 18.91 27.49
N GLU C 38 20.54 19.60 28.33
CA GLU C 38 21.37 18.92 29.31
C GLU C 38 20.55 18.32 30.44
N ALA C 39 19.47 18.99 30.85
CA ALA C 39 18.71 18.55 32.01
C ALA C 39 17.88 17.30 31.71
N HIS C 40 17.48 17.11 30.46
CA HIS C 40 16.64 15.97 30.08
C HIS C 40 17.41 14.94 29.26
N ALA C 41 18.75 14.94 29.35
CA ALA C 41 19.55 14.01 28.57
C ALA C 41 19.33 12.57 29.00
N LYS C 42 19.20 12.33 30.30
CA LYS C 42 19.05 10.98 30.82
C LYS C 42 17.67 10.37 30.54
N GLU C 43 16.71 11.18 30.06
CA GLU C 43 15.37 10.70 29.77
C GLU C 43 15.07 10.69 28.28
N ASP C 44 16.11 10.54 27.45
CA ASP C 44 15.97 10.51 26.00
C ASP C 44 16.36 9.14 25.48
N PRO C 45 15.41 8.25 25.23
CA PRO C 45 15.76 6.90 24.76
C PRO C 45 16.47 6.87 23.42
N LEU C 46 16.15 7.81 22.52
CA LEU C 46 16.81 7.80 21.21
C LEU C 46 18.26 8.27 21.32
N LEU C 47 18.51 9.34 22.08
CA LEU C 47 19.87 9.82 22.28
C LEU C 47 20.66 8.89 23.18
N THR C 48 20.05 8.44 24.28
CA THR C 48 20.67 7.48 25.18
C THR C 48 19.90 6.16 25.11
N PRO C 49 20.42 5.15 24.42
CA PRO C 49 19.67 3.91 24.26
C PRO C 49 19.43 3.20 25.58
N VAL C 50 18.28 2.54 25.67
CA VAL C 50 17.86 1.82 26.87
C VAL C 50 18.16 0.34 26.66
N PRO C 51 18.30 -0.45 27.73
CA PRO C 51 18.52 -1.90 27.56
C PRO C 51 17.32 -2.58 26.93
N ALA C 52 17.53 -3.85 26.57
CA ALA C 52 16.48 -4.61 25.89
C ALA C 52 15.28 -4.86 26.79
N SER C 53 15.47 -4.88 28.11
CA SER C 53 14.36 -5.07 29.03
C SER C 53 13.38 -3.91 28.96
N GLU C 54 13.88 -2.70 28.83
CA GLU C 54 13.06 -1.49 28.80
C GLU C 54 12.63 -1.11 27.39
N ASN C 55 12.95 -1.92 26.39
CA ASN C 55 12.59 -1.61 25.01
C ASN C 55 11.39 -2.42 24.60
N PRO C 56 10.21 -1.82 24.41
CA PRO C 56 9.04 -2.60 23.99
C PRO C 56 9.15 -3.17 22.60
N PHE C 57 10.01 -2.63 21.73
CA PHE C 57 10.17 -3.09 20.36
C PHE C 57 11.37 -4.01 20.20
N ARG C 58 11.70 -4.80 21.22
CA ARG C 58 12.83 -5.70 21.16
C ARG C 58 12.58 -6.86 20.20
N ASP D 1 -29.73 1.76 20.59
CA ASP D 1 -30.76 0.77 20.80
C ASP D 1 -30.25 -0.66 20.58
N VAL D 2 -29.24 -1.04 21.34
CA VAL D 2 -28.64 -2.36 21.23
C VAL D 2 -29.57 -3.37 21.90
N GLN D 3 -29.94 -4.42 21.16
CA GLN D 3 -30.85 -5.43 21.67
C GLN D 3 -30.36 -6.81 21.26
N LEU D 4 -30.62 -7.79 22.13
CA LEU D 4 -30.31 -9.20 21.88
C LEU D 4 -31.48 -10.00 22.45
N VAL D 5 -32.34 -10.52 21.57
CA VAL D 5 -33.55 -11.23 21.97
C VAL D 5 -33.36 -12.71 21.69
N GLU D 6 -33.62 -13.53 22.70
CA GLU D 6 -33.50 -14.98 22.60
C GLU D 6 -34.87 -15.63 22.64
N SER D 7 -35.06 -16.66 21.82
CA SER D 7 -36.32 -17.38 21.79
C SER D 7 -36.05 -18.84 21.43
N GLY D 8 -36.96 -19.71 21.86
CA GLY D 8 -36.83 -21.13 21.60
C GLY D 8 -36.84 -21.98 22.84
N GLY D 9 -37.35 -21.44 23.95
CA GLY D 9 -37.41 -22.18 25.18
C GLY D 9 -38.70 -22.96 25.33
N GLY D 10 -38.83 -23.61 26.49
CA GLY D 10 -40.01 -24.38 26.82
C GLY D 10 -39.63 -25.66 27.55
N LEU D 11 -40.54 -26.63 27.50
CA LEU D 11 -40.34 -27.93 28.14
C LEU D 11 -39.98 -28.96 27.09
N VAL D 12 -38.88 -29.67 27.31
CA VAL D 12 -38.35 -30.64 26.36
C VAL D 12 -38.16 -31.98 27.07
N GLN D 13 -38.61 -33.05 26.43
CA GLN D 13 -38.39 -34.38 26.96
C GLN D 13 -36.89 -34.73 26.89
N PRO D 14 -36.40 -35.55 27.81
CA PRO D 14 -34.98 -35.91 27.80
C PRO D 14 -34.60 -36.68 26.54
N GLY D 15 -33.37 -36.48 26.09
CA GLY D 15 -32.89 -37.11 24.89
C GLY D 15 -33.38 -36.50 23.60
N GLY D 16 -34.04 -35.35 23.67
CA GLY D 16 -34.58 -34.69 22.49
C GLY D 16 -33.61 -33.72 21.87
N SER D 17 -34.16 -32.79 21.09
CA SER D 17 -33.37 -31.76 20.43
C SER D 17 -34.15 -30.46 20.43
N ARG D 18 -33.41 -29.35 20.41
CA ARG D 18 -34.02 -28.02 20.37
C ARG D 18 -32.98 -27.03 19.87
N LYS D 19 -33.44 -26.05 19.10
CA LYS D 19 -32.61 -24.98 18.58
C LYS D 19 -32.94 -23.68 19.32
N LEU D 20 -31.91 -22.98 19.76
CA LEU D 20 -32.06 -21.67 20.38
C LEU D 20 -31.61 -20.60 19.41
N SER D 21 -32.40 -19.53 19.29
CA SER D 21 -32.14 -18.45 18.36
C SER D 21 -31.93 -17.15 19.12
N CYS D 22 -30.89 -16.42 18.76
CA CYS D 22 -30.57 -15.12 19.36
C CYS D 22 -30.51 -14.10 18.23
N SER D 23 -31.45 -13.15 18.24
CA SER D 23 -31.55 -12.14 17.20
C SER D 23 -31.00 -10.81 17.71
N ALA D 24 -30.19 -10.15 16.88
CA ALA D 24 -29.54 -8.91 17.22
C ALA D 24 -30.09 -7.78 16.37
N SER D 25 -30.22 -6.59 16.97
CA SER D 25 -30.73 -5.42 16.25
C SER D 25 -30.21 -4.18 16.96
N GLY D 26 -29.28 -3.47 16.33
CA GLY D 26 -28.78 -2.23 16.89
C GLY D 26 -27.28 -2.07 16.82
N PHE D 27 -26.58 -3.03 16.23
CA PHE D 27 -25.13 -2.97 16.15
C PHE D 27 -24.65 -3.83 15.00
N ALA D 28 -23.37 -3.68 14.66
CA ALA D 28 -22.75 -4.48 13.61
C ALA D 28 -22.50 -5.90 14.09
N PHE D 29 -23.43 -6.81 13.79
CA PHE D 29 -23.34 -8.18 14.30
C PHE D 29 -22.13 -8.92 13.73
N SER D 30 -21.68 -8.56 12.53
CA SER D 30 -20.62 -9.30 11.88
C SER D 30 -19.26 -9.08 12.52
N SER D 31 -19.07 -7.97 13.23
CA SER D 31 -17.77 -7.62 13.81
C SER D 31 -17.62 -8.06 15.25
N PHE D 32 -18.62 -8.74 15.82
CA PHE D 32 -18.60 -9.16 17.21
C PHE D 32 -18.59 -10.68 17.31
N GLY D 33 -17.72 -11.21 18.16
CA GLY D 33 -17.83 -12.59 18.56
C GLY D 33 -18.97 -12.78 19.55
N MET D 34 -19.51 -13.99 19.59
CA MET D 34 -20.69 -14.27 20.39
C MET D 34 -20.44 -15.41 21.35
N HIS D 35 -21.08 -15.34 22.51
CA HIS D 35 -20.95 -16.33 23.57
C HIS D 35 -22.33 -16.82 23.98
N TRP D 36 -22.37 -18.05 24.52
CA TRP D 36 -23.56 -18.60 25.14
C TRP D 36 -23.23 -18.91 26.59
N VAL D 37 -24.04 -18.40 27.51
CA VAL D 37 -23.87 -18.62 28.94
C VAL D 37 -25.22 -19.04 29.51
N ARG D 38 -25.22 -20.09 30.31
CA ARG D 38 -26.44 -20.58 30.93
C ARG D 38 -26.35 -20.47 32.44
N GLN D 39 -27.50 -20.29 33.09
CA GLN D 39 -27.59 -20.18 34.54
C GLN D 39 -28.64 -21.16 35.03
N ALA D 40 -28.21 -22.20 35.75
CA ALA D 40 -29.12 -23.14 36.35
C ALA D 40 -29.83 -22.48 37.54
N PRO D 41 -30.98 -23.03 37.97
CA PRO D 41 -31.67 -22.45 39.13
C PRO D 41 -30.89 -22.51 40.44
N GLU D 42 -29.71 -23.13 40.42
CA GLU D 42 -28.83 -23.16 41.58
C GLU D 42 -28.03 -21.86 41.74
N LYS D 43 -28.36 -20.83 40.96
CA LYS D 43 -27.72 -19.51 41.04
C LYS D 43 -26.22 -19.59 40.78
N GLY D 44 -25.88 -20.01 39.56
CA GLY D 44 -24.50 -20.04 39.12
C GLY D 44 -24.43 -19.80 37.63
N LEU D 45 -23.30 -19.23 37.19
CA LEU D 45 -23.07 -18.93 35.79
C LEU D 45 -22.07 -19.92 35.21
N GLU D 46 -22.41 -20.50 34.07
CA GLU D 46 -21.58 -21.51 33.41
C GLU D 46 -21.43 -21.17 31.94
N TRP D 47 -20.19 -21.24 31.45
CA TRP D 47 -19.90 -20.94 30.06
C TRP D 47 -20.22 -22.15 29.19
N VAL D 48 -20.82 -21.90 28.02
CA VAL D 48 -21.30 -22.95 27.13
C VAL D 48 -20.49 -23.02 25.84
N ALA D 49 -20.49 -21.95 25.05
CA ALA D 49 -19.87 -22.00 23.73
C ALA D 49 -19.50 -20.59 23.29
N TYR D 50 -18.65 -20.53 22.27
CA TYR D 50 -18.18 -19.26 21.73
C TYR D 50 -17.94 -19.41 20.23
N ILE D 51 -18.38 -18.40 19.47
CA ILE D 51 -18.13 -18.34 18.04
C ILE D 51 -17.53 -16.97 17.72
N SER D 52 -16.53 -16.95 16.87
CA SER D 52 -15.77 -15.74 16.57
C SER D 52 -16.33 -15.03 15.35
N SER D 53 -15.82 -13.81 15.12
CA SER D 53 -16.15 -13.08 13.91
C SER D 53 -15.56 -13.79 12.71
N GLY D 54 -16.38 -14.00 11.68
CA GLY D 54 -15.97 -14.77 10.53
C GLY D 54 -16.08 -16.27 10.69
N SER D 55 -16.54 -16.74 11.86
CA SER D 55 -16.72 -18.17 12.13
C SER D 55 -15.43 -18.96 11.93
N GLY D 56 -14.31 -18.36 12.32
CA GLY D 56 -13.02 -19.01 12.15
C GLY D 56 -12.51 -19.68 13.40
N THR D 57 -13.20 -19.49 14.53
CA THR D 57 -12.80 -20.09 15.79
C THR D 57 -14.06 -20.39 16.60
N ILE D 58 -14.24 -21.66 16.96
CA ILE D 58 -15.37 -22.11 17.75
C ILE D 58 -14.85 -22.93 18.92
N TYR D 59 -15.32 -22.61 20.13
CA TYR D 59 -14.93 -23.32 21.33
C TYR D 59 -16.16 -23.82 22.07
N TYR D 60 -15.99 -24.92 22.81
CA TYR D 60 -17.07 -25.51 23.58
C TYR D 60 -16.58 -25.87 24.97
N ALA D 61 -17.52 -25.93 25.92
CA ALA D 61 -17.22 -26.41 27.24
C ALA D 61 -17.16 -27.94 27.24
N ASP D 62 -16.52 -28.48 28.29
CA ASP D 62 -16.32 -29.93 28.36
C ASP D 62 -17.62 -30.70 28.55
N THR D 63 -18.67 -30.05 29.04
CA THR D 63 -19.95 -30.72 29.27
C THR D 63 -20.90 -30.63 28.09
N VAL D 64 -20.50 -29.96 27.00
CA VAL D 64 -21.36 -29.80 25.83
C VAL D 64 -20.69 -30.25 24.54
N LYS D 65 -19.46 -30.75 24.60
CA LYS D 65 -18.77 -31.17 23.39
C LYS D 65 -19.42 -32.42 22.81
N GLY D 66 -19.59 -32.42 21.48
CA GLY D 66 -20.17 -33.54 20.78
C GLY D 66 -21.67 -33.58 20.74
N ARG D 67 -22.35 -32.66 21.44
CA ARG D 67 -23.79 -32.62 21.45
C ARG D 67 -24.39 -31.23 21.30
N PHE D 68 -23.59 -30.17 21.40
CA PHE D 68 -24.05 -28.80 21.20
C PHE D 68 -23.33 -28.22 20.00
N THR D 69 -24.06 -27.48 19.17
CA THR D 69 -23.52 -26.86 17.98
C THR D 69 -23.94 -25.40 17.93
N ILE D 70 -22.98 -24.51 17.70
CA ILE D 70 -23.23 -23.07 17.67
C ILE D 70 -22.88 -22.55 16.28
N SER D 71 -23.77 -21.74 15.72
CA SER D 71 -23.57 -21.17 14.39
C SER D 71 -24.24 -19.81 14.34
N ARG D 72 -23.80 -19.00 13.38
CA ARG D 72 -24.30 -17.64 13.22
C ARG D 72 -24.62 -17.37 11.76
N ASP D 73 -25.62 -16.52 11.54
CA ASP D 73 -26.04 -16.08 10.22
C ASP D 73 -25.90 -14.55 10.18
N ASP D 74 -24.82 -14.07 9.58
CA ASP D 74 -24.52 -12.64 9.60
C ASP D 74 -25.42 -11.83 8.67
N PRO D 75 -25.82 -12.35 7.49
CA PRO D 75 -26.88 -11.66 6.73
C PRO D 75 -28.16 -11.45 7.53
N LYS D 76 -28.58 -12.43 8.32
CA LYS D 76 -29.84 -12.36 9.05
C LYS D 76 -29.66 -11.83 10.48
N ASN D 77 -28.43 -11.58 10.91
CA ASN D 77 -28.12 -11.06 12.25
C ASN D 77 -28.72 -11.94 13.35
N THR D 78 -28.56 -13.26 13.19
CA THR D 78 -29.14 -14.23 14.10
C THR D 78 -28.08 -15.24 14.53
N LEU D 79 -28.06 -15.55 15.82
CA LEU D 79 -27.16 -16.53 16.39
C LEU D 79 -27.95 -17.77 16.78
N PHE D 80 -27.44 -18.94 16.40
CA PHE D 80 -28.11 -20.21 16.63
C PHE D 80 -27.31 -21.08 17.58
N LEU D 81 -28.03 -21.94 18.33
CA LEU D 81 -27.40 -22.96 19.15
C LEU D 81 -28.21 -24.24 19.01
N GLN D 82 -27.63 -25.26 18.39
CA GLN D 82 -28.28 -26.55 18.17
C GLN D 82 -27.91 -27.47 19.32
N MET D 83 -28.93 -27.96 20.04
CA MET D 83 -28.74 -28.73 21.26
C MET D 83 -29.32 -30.12 21.05
N THR D 84 -28.49 -31.14 21.28
CA THR D 84 -28.88 -32.53 21.12
C THR D 84 -28.49 -33.32 22.36
N SER D 85 -29.19 -34.45 22.56
CA SER D 85 -29.00 -35.32 23.72
C SER D 85 -29.15 -34.54 25.02
N LEU D 86 -30.35 -33.99 25.20
CA LEU D 86 -30.61 -33.14 26.36
C LEU D 86 -30.71 -33.96 27.63
N ARG D 87 -30.09 -33.48 28.69
CA ARG D 87 -30.09 -34.11 29.99
C ARG D 87 -30.83 -33.24 31.00
N SER D 88 -31.02 -33.78 32.20
CA SER D 88 -31.66 -33.00 33.26
C SER D 88 -30.76 -31.89 33.78
N GLU D 89 -29.44 -31.98 33.55
CA GLU D 89 -28.51 -30.96 33.97
C GLU D 89 -28.43 -29.79 33.00
N ASP D 90 -29.14 -29.84 31.88
CA ASP D 90 -29.19 -28.75 30.93
C ASP D 90 -30.36 -27.80 31.18
N THR D 91 -31.14 -28.03 32.23
CA THR D 91 -32.24 -27.14 32.59
C THR D 91 -31.66 -25.86 33.18
N ALA D 92 -31.66 -24.80 32.39
CA ALA D 92 -31.07 -23.53 32.79
C ALA D 92 -31.67 -22.41 31.96
N MET D 93 -31.27 -21.19 32.27
CA MET D 93 -31.66 -20.00 31.52
C MET D 93 -30.45 -19.54 30.72
N TYR D 94 -30.59 -19.50 29.40
CA TYR D 94 -29.47 -19.28 28.50
C TYR D 94 -29.40 -17.82 28.09
N TYR D 95 -28.21 -17.25 28.13
CA TYR D 95 -27.98 -15.84 27.83
C TYR D 95 -27.11 -15.71 26.58
N CYS D 96 -27.32 -14.62 25.85
CA CYS D 96 -26.61 -14.33 24.61
C CYS D 96 -25.68 -13.14 24.89
N VAL D 97 -24.38 -13.38 24.85
CA VAL D 97 -23.39 -12.41 25.29
C VAL D 97 -22.60 -11.91 24.08
N ARG D 98 -22.41 -10.59 24.03
CA ARG D 98 -21.70 -9.93 22.95
C ARG D 98 -20.28 -9.61 23.38
N SER D 99 -19.31 -9.93 22.51
CA SER D 99 -17.90 -9.72 22.84
C SER D 99 -17.13 -9.25 21.60
N ILE D 100 -16.20 -8.34 21.82
CA ILE D 100 -15.30 -7.84 20.78
C ILE D 100 -13.89 -7.81 21.35
N TYR D 101 -12.91 -8.04 20.48
CA TYR D 101 -11.52 -8.22 20.92
C TYR D 101 -10.58 -7.43 20.02
N TYR D 102 -10.07 -6.32 20.55
CA TYR D 102 -8.92 -5.64 19.98
C TYR D 102 -8.17 -4.98 21.15
N TYR D 103 -7.20 -4.13 20.84
CA TYR D 103 -6.41 -3.50 21.88
C TYR D 103 -7.25 -2.44 22.57
N GLY D 104 -7.47 -2.60 23.88
CA GLY D 104 -8.30 -1.68 24.62
C GLY D 104 -9.79 -1.90 24.50
N SER D 105 -10.21 -3.07 24.05
CA SER D 105 -11.62 -3.36 23.86
C SER D 105 -12.27 -3.74 25.18
N SER D 106 -13.60 -3.86 25.15
CA SER D 106 -14.41 -4.18 26.32
C SER D 106 -15.33 -5.35 25.99
N PRO D 107 -14.82 -6.58 26.04
CA PRO D 107 -15.68 -7.73 25.76
C PRO D 107 -16.64 -8.00 26.91
N PHE D 108 -17.65 -8.83 26.62
CA PHE D 108 -18.71 -9.17 27.56
C PHE D 108 -19.45 -7.93 28.04
N ASP D 109 -19.78 -7.05 27.09
CA ASP D 109 -20.36 -5.75 27.42
C ASP D 109 -21.88 -5.77 27.46
N PHE D 110 -22.53 -6.53 26.59
CA PHE D 110 -24.00 -6.58 26.55
C PHE D 110 -24.49 -8.01 26.64
N TRP D 111 -25.53 -8.21 27.44
CA TRP D 111 -26.13 -9.51 27.64
C TRP D 111 -27.60 -9.46 27.23
N GLY D 112 -28.09 -10.58 26.70
CA GLY D 112 -29.47 -10.65 26.27
C GLY D 112 -30.43 -10.84 27.42
N GLN D 113 -31.72 -10.79 27.09
CA GLN D 113 -32.75 -10.99 28.11
C GLN D 113 -32.74 -12.41 28.66
N GLY D 114 -32.53 -13.39 27.80
CA GLY D 114 -32.43 -14.76 28.23
C GLY D 114 -33.69 -15.56 27.93
N THR D 115 -33.51 -16.86 27.72
CA THR D 115 -34.61 -17.78 27.48
C THR D 115 -34.53 -18.92 28.48
N THR D 116 -35.69 -19.44 28.87
CA THR D 116 -35.78 -20.49 29.88
C THR D 116 -36.04 -21.82 29.22
N LEU D 117 -35.18 -22.80 29.49
CA LEU D 117 -35.30 -24.14 28.95
C LEU D 117 -35.42 -25.13 30.10
N THR D 118 -36.46 -25.97 30.05
CA THR D 118 -36.74 -26.93 31.10
C THR D 118 -36.77 -28.33 30.51
N VAL D 119 -36.09 -29.26 31.17
CA VAL D 119 -36.03 -30.65 30.77
C VAL D 119 -36.72 -31.49 31.85
N SER D 120 -37.70 -32.29 31.44
CA SER D 120 -38.48 -33.06 32.39
C SER D 120 -37.64 -34.17 33.03
N SER D 121 -38.09 -34.61 34.20
CA SER D 121 -37.44 -35.66 34.98
C SER D 121 -35.97 -35.33 35.28
N GLY D 135 -9.95 -30.83 35.33
CA GLY D 135 -8.61 -31.04 35.86
C GLY D 135 -7.69 -29.86 35.66
N SER D 136 -7.56 -29.42 34.40
CA SER D 136 -6.71 -28.28 34.07
C SER D 136 -7.47 -26.96 34.05
N ASP D 137 -8.77 -26.98 34.34
CA ASP D 137 -9.56 -25.75 34.31
C ASP D 137 -9.22 -24.87 35.51
N ILE D 138 -9.17 -23.56 35.27
CA ILE D 138 -8.89 -22.62 36.34
C ILE D 138 -10.08 -22.54 37.29
N VAL D 139 -9.81 -22.62 38.58
CA VAL D 139 -10.84 -22.61 39.61
C VAL D 139 -10.81 -21.25 40.31
N MET D 140 -11.97 -20.59 40.36
CA MET D 140 -12.11 -19.29 40.98
C MET D 140 -13.18 -19.39 42.07
N THR D 141 -12.83 -18.98 43.28
CA THR D 141 -13.70 -19.16 44.44
C THR D 141 -13.88 -17.83 45.16
N GLN D 142 -15.13 -17.51 45.46
CA GLN D 142 -15.48 -16.35 46.29
C GLN D 142 -15.94 -16.88 47.65
N ALA D 143 -15.15 -16.60 48.68
CA ALA D 143 -15.43 -17.17 50.01
C ALA D 143 -16.76 -16.68 50.56
N THR D 144 -17.04 -15.39 50.41
CA THR D 144 -18.28 -14.82 50.92
C THR D 144 -19.41 -15.09 49.95
N SER D 145 -20.48 -15.73 50.42
CA SER D 145 -21.64 -16.00 49.60
C SER D 145 -22.81 -15.06 49.88
N SER D 146 -22.86 -14.44 51.06
CA SER D 146 -23.92 -13.51 51.41
C SER D 146 -23.43 -12.63 52.54
N VAL D 147 -23.31 -11.33 52.28
CA VAL D 147 -22.88 -10.39 53.31
C VAL D 147 -23.89 -9.26 53.44
N PRO D 148 -24.26 -8.87 54.65
CA PRO D 148 -25.19 -7.75 54.83
C PRO D 148 -24.50 -6.42 54.57
N VAL D 149 -25.30 -5.44 54.17
CA VAL D 149 -24.79 -4.10 53.89
C VAL D 149 -25.91 -3.09 54.13
N THR D 150 -25.51 -1.89 54.56
CA THR D 150 -26.39 -0.76 54.78
C THR D 150 -26.08 0.34 53.76
N PRO D 151 -27.11 0.94 53.16
CA PRO D 151 -26.86 2.00 52.17
C PRO D 151 -26.08 3.16 52.78
N GLY D 152 -25.15 3.70 51.98
CA GLY D 152 -24.27 4.75 52.44
C GLY D 152 -22.97 4.28 53.04
N GLU D 153 -22.58 3.03 52.80
CA GLU D 153 -21.34 2.48 53.35
C GLU D 153 -20.61 1.71 52.25
N SER D 154 -19.29 1.59 52.44
CA SER D 154 -18.45 0.88 51.49
C SER D 154 -18.48 -0.61 51.74
N VAL D 155 -18.02 -1.37 50.74
CA VAL D 155 -17.98 -2.83 50.83
C VAL D 155 -16.89 -3.32 49.87
N SER D 156 -16.27 -4.45 50.23
CA SER D 156 -15.25 -5.08 49.41
C SER D 156 -15.60 -6.53 49.18
N ILE D 157 -15.43 -6.99 47.95
CA ILE D 157 -15.70 -8.37 47.55
C ILE D 157 -14.40 -8.97 47.02
N SER D 158 -14.03 -10.13 47.55
CA SER D 158 -12.75 -10.76 47.24
C SER D 158 -12.97 -12.02 46.42
N CYS D 159 -12.15 -12.18 45.38
CA CYS D 159 -12.15 -13.37 44.53
C CYS D 159 -10.71 -13.81 44.32
N ARG D 160 -10.48 -15.12 44.39
CA ARG D 160 -9.16 -15.68 44.23
C ARG D 160 -9.16 -16.73 43.12
N SER D 161 -7.96 -17.03 42.62
CA SER D 161 -7.78 -17.98 41.54
C SER D 161 -6.66 -18.95 41.87
N SER D 162 -6.77 -20.16 41.31
CA SER D 162 -5.73 -21.16 41.53
C SER D 162 -4.47 -20.83 40.73
N LYS D 163 -4.63 -20.28 39.53
CA LYS D 163 -3.52 -19.92 38.67
C LYS D 163 -3.46 -18.41 38.52
N SER D 164 -2.24 -17.86 38.48
CA SER D 164 -2.06 -16.43 38.33
C SER D 164 -2.52 -15.98 36.95
N LEU D 165 -3.33 -14.93 36.92
CA LEU D 165 -3.91 -14.42 35.68
C LEU D 165 -3.07 -13.31 35.04
N LEU D 166 -1.93 -12.98 35.62
CA LEU D 166 -1.07 -11.93 35.08
C LEU D 166 -0.22 -12.53 33.97
N HIS D 167 -0.50 -12.12 32.74
CA HIS D 167 0.23 -12.60 31.58
C HIS D 167 1.56 -11.86 31.44
N SER D 168 2.38 -12.33 30.51
CA SER D 168 3.67 -11.71 30.25
C SER D 168 3.56 -10.33 29.62
N ASN D 169 2.38 -9.96 29.12
CA ASN D 169 2.18 -8.65 28.50
C ASN D 169 1.64 -7.61 29.48
N GLY D 170 1.59 -7.93 30.76
CA GLY D 170 1.16 -6.98 31.77
C GLY D 170 -0.34 -6.87 31.94
N ASN D 171 -1.12 -7.70 31.25
CA ASN D 171 -2.57 -7.70 31.36
C ASN D 171 -3.02 -8.76 32.35
N THR D 172 -3.86 -8.37 33.30
CA THR D 172 -4.47 -9.30 34.24
C THR D 172 -5.91 -9.49 33.82
N TYR D 173 -6.22 -10.66 33.26
CA TYR D 173 -7.53 -10.94 32.66
C TYR D 173 -8.49 -11.39 33.75
N LEU D 174 -9.18 -10.42 34.36
CA LEU D 174 -10.24 -10.72 35.30
C LEU D 174 -11.38 -9.73 35.11
N TYR D 175 -12.61 -10.26 35.14
CA TYR D 175 -13.80 -9.49 34.84
C TYR D 175 -14.76 -9.55 36.02
N TRP D 176 -15.54 -8.49 36.20
CA TRP D 176 -16.52 -8.39 37.27
C TRP D 176 -17.91 -8.15 36.69
N PHE D 177 -18.90 -8.86 37.23
CA PHE D 177 -20.27 -8.79 36.75
C PHE D 177 -21.23 -8.60 37.91
N LEU D 178 -22.34 -7.92 37.63
CA LEU D 178 -23.39 -7.70 38.62
C LEU D 178 -24.72 -8.14 38.02
N GLN D 179 -25.48 -8.94 38.76
CA GLN D 179 -26.79 -9.41 38.35
C GLN D 179 -27.82 -9.00 39.39
N ARG D 180 -28.63 -8.01 39.07
CA ARG D 180 -29.72 -7.60 39.95
C ARG D 180 -30.82 -8.65 39.92
N PRO D 181 -31.66 -8.71 40.96
CA PRO D 181 -32.75 -9.69 40.98
C PRO D 181 -33.69 -9.51 39.81
N GLY D 182 -33.96 -10.61 39.11
CA GLY D 182 -34.84 -10.59 37.95
C GLY D 182 -34.33 -9.75 36.80
N GLN D 183 -33.04 -9.82 36.50
CA GLN D 183 -32.44 -9.03 35.44
C GLN D 183 -31.32 -9.84 34.81
N SER D 184 -30.53 -9.17 33.97
CA SER D 184 -29.42 -9.78 33.25
C SER D 184 -28.09 -9.23 33.76
N PRO D 185 -27.02 -10.03 33.73
CA PRO D 185 -25.72 -9.53 34.19
C PRO D 185 -25.19 -8.41 33.31
N GLN D 186 -24.43 -7.51 33.92
CA GLN D 186 -23.79 -6.42 33.20
C GLN D 186 -22.35 -6.30 33.66
N LEU D 187 -21.52 -5.77 32.78
CA LEU D 187 -20.09 -5.67 33.03
C LEU D 187 -19.77 -4.45 33.89
N LEU D 188 -18.91 -4.63 34.89
CA LEU D 188 -18.46 -3.55 35.74
C LEU D 188 -16.98 -3.24 35.53
N ILE D 189 -16.11 -4.22 35.70
CA ILE D 189 -14.68 -4.08 35.47
C ILE D 189 -14.26 -5.14 34.47
N TYR D 190 -13.53 -4.76 33.42
CA TYR D 190 -13.20 -5.75 32.42
C TYR D 190 -11.77 -6.27 32.47
N ARG D 191 -10.76 -5.47 32.81
CA ARG D 191 -9.46 -6.06 33.19
C ARG D 191 -8.96 -5.44 34.50
N MET D 192 -9.55 -5.89 35.60
CA MET D 192 -9.06 -5.75 36.96
C MET D 192 -8.97 -4.30 37.46
N SER D 193 -9.05 -3.33 36.55
CA SER D 193 -8.97 -1.93 36.94
C SER D 193 -9.88 -0.99 36.17
N ASN D 194 -10.44 -1.41 35.04
CA ASN D 194 -11.06 -0.49 34.10
C ASN D 194 -12.58 -0.57 34.21
N LEU D 195 -13.21 0.57 34.46
CA LEU D 195 -14.66 0.63 34.50
C LEU D 195 -15.24 0.57 33.09
N ALA D 196 -16.40 -0.07 32.97
CA ALA D 196 -17.08 -0.16 31.68
C ALA D 196 -17.86 1.12 31.42
N SER D 197 -18.47 1.19 30.24
CA SER D 197 -19.24 2.37 29.87
C SER D 197 -20.55 2.41 30.64
N GLY D 198 -20.82 3.55 31.27
CA GLY D 198 -22.02 3.74 32.05
C GLY D 198 -21.91 3.34 33.51
N VAL D 199 -20.82 2.69 33.90
CA VAL D 199 -20.65 2.26 35.29
C VAL D 199 -20.27 3.47 36.14
N PRO D 200 -20.93 3.70 37.28
CA PRO D 200 -20.57 4.83 38.13
C PRO D 200 -19.15 4.67 38.69
N ASP D 201 -18.53 5.82 38.98
CA ASP D 201 -17.13 5.86 39.41
C ASP D 201 -16.91 5.25 40.79
N ARG D 202 -17.99 5.01 41.56
CA ARG D 202 -17.84 4.45 42.89
C ARG D 202 -17.37 3.01 42.90
N PHE D 203 -17.37 2.33 41.76
CA PHE D 203 -16.87 0.96 41.66
C PHE D 203 -15.38 1.00 41.30
N SER D 204 -14.57 0.25 42.05
CA SER D 204 -13.13 0.24 41.86
C SER D 204 -12.62 -1.19 41.83
N GLY D 205 -11.56 -1.39 41.07
CA GLY D 205 -10.91 -2.70 40.98
C GLY D 205 -9.47 -2.61 41.46
N SER D 206 -9.02 -3.67 42.13
CA SER D 206 -7.67 -3.70 42.66
C SER D 206 -7.25 -5.15 42.85
N GLY D 207 -5.94 -5.35 43.00
CA GLY D 207 -5.36 -6.65 43.22
C GLY D 207 -4.23 -6.91 42.26
N SER D 208 -3.58 -8.06 42.46
CA SER D 208 -2.47 -8.47 41.62
C SER D 208 -2.21 -9.96 41.82
N GLY D 209 -2.15 -10.71 40.73
CA GLY D 209 -1.80 -12.11 40.78
C GLY D 209 -2.98 -13.03 41.02
N THR D 210 -3.15 -13.48 42.27
CA THR D 210 -4.22 -14.39 42.63
C THR D 210 -5.15 -13.81 43.70
N ALA D 211 -5.02 -12.53 44.02
CA ALA D 211 -5.88 -11.87 44.99
C ALA D 211 -6.51 -10.66 44.34
N PHE D 212 -7.83 -10.56 44.40
CA PHE D 212 -8.56 -9.50 43.74
C PHE D 212 -9.64 -8.96 44.67
N THR D 213 -9.98 -7.68 44.48
CA THR D 213 -10.93 -7.02 45.35
C THR D 213 -11.72 -6.00 44.54
N LEU D 214 -13.04 -6.02 44.70
CA LEU D 214 -13.93 -5.03 44.12
C LEU D 214 -14.49 -4.17 45.25
N THR D 215 -14.27 -2.86 45.17
CA THR D 215 -14.67 -1.93 46.21
C THR D 215 -15.84 -1.09 45.71
N ILE D 216 -16.92 -1.05 46.48
CA ILE D 216 -18.12 -0.29 46.14
C ILE D 216 -18.31 0.74 47.25
N SER D 217 -17.76 1.92 47.06
CA SER D 217 -17.93 3.01 48.02
C SER D 217 -19.29 3.66 47.85
N ARG D 218 -19.93 4.00 48.98
CA ARG D 218 -21.24 4.64 49.01
C ARG D 218 -22.28 3.80 48.27
N LEU D 219 -22.52 2.61 48.81
CA LEU D 219 -23.46 1.67 48.20
C LEU D 219 -24.89 2.18 48.33
N GLU D 220 -25.67 2.00 47.26
CA GLU D 220 -27.08 2.36 47.23
C GLU D 220 -27.92 1.11 46.97
N ALA D 221 -29.24 1.27 47.07
CA ALA D 221 -30.16 0.16 46.85
C ALA D 221 -30.11 -0.33 45.40
N GLU D 222 -29.58 0.48 44.48
CA GLU D 222 -29.44 0.09 43.08
C GLU D 222 -28.36 -0.97 42.87
N ASP D 223 -27.46 -1.15 43.83
CA ASP D 223 -26.33 -2.06 43.70
C ASP D 223 -26.57 -3.39 44.42
N VAL D 224 -27.79 -3.68 44.83
CA VAL D 224 -28.09 -4.92 45.54
C VAL D 224 -28.29 -6.03 44.51
N GLY D 225 -27.53 -7.12 44.68
CA GLY D 225 -27.62 -8.25 43.78
C GLY D 225 -26.56 -9.29 44.05
N VAL D 226 -26.06 -9.94 43.01
CA VAL D 226 -25.02 -10.95 43.12
C VAL D 226 -23.85 -10.56 42.20
N TYR D 227 -22.63 -10.80 42.68
CA TYR D 227 -21.42 -10.39 41.99
C TYR D 227 -20.61 -11.61 41.59
N TYR D 228 -20.07 -11.59 40.37
CA TYR D 228 -19.33 -12.71 39.82
C TYR D 228 -17.96 -12.25 39.34
N CYS D 229 -16.98 -13.14 39.45
CA CYS D 229 -15.64 -12.92 38.90
C CYS D 229 -15.37 -13.96 37.83
N MET D 230 -14.89 -13.51 36.67
CA MET D 230 -14.64 -14.37 35.54
C MET D 230 -13.23 -14.14 35.02
N GLN D 231 -12.54 -15.23 34.66
CA GLN D 231 -11.25 -15.14 34.02
C GLN D 231 -11.40 -15.31 32.52
N HIS D 232 -10.53 -14.63 31.77
CA HIS D 232 -10.47 -14.74 30.32
C HIS D 232 -9.07 -15.07 29.85
N LEU D 233 -8.29 -15.74 30.72
CA LEU D 233 -6.91 -16.06 30.38
C LEU D 233 -6.85 -17.21 29.38
N GLU D 234 -7.65 -18.24 29.58
CA GLU D 234 -7.58 -19.42 28.72
C GLU D 234 -8.91 -20.16 28.77
N TYR D 235 -9.36 -20.65 27.62
CA TYR D 235 -10.63 -21.36 27.55
C TYR D 235 -10.52 -22.71 28.26
N PRO D 236 -11.59 -23.16 28.95
CA PRO D 236 -12.89 -22.51 29.08
C PRO D 236 -12.93 -21.41 30.13
N LEU D 237 -13.80 -20.43 29.92
CA LEU D 237 -13.94 -19.33 30.87
C LEU D 237 -14.70 -19.81 32.11
N THR D 238 -14.15 -19.52 33.28
CA THR D 238 -14.70 -20.01 34.54
C THR D 238 -15.19 -18.84 35.37
N PHE D 239 -16.41 -18.95 35.88
CA PHE D 239 -16.99 -17.95 36.76
C PHE D 239 -16.77 -18.36 38.21
N GLY D 240 -17.31 -17.56 39.12
CA GLY D 240 -17.26 -17.84 40.54
C GLY D 240 -18.62 -18.26 41.08
N ALA D 241 -18.61 -18.63 42.36
CA ALA D 241 -19.85 -19.04 43.03
C ALA D 241 -20.84 -17.90 43.11
N GLY D 242 -20.36 -16.70 43.42
CA GLY D 242 -21.21 -15.53 43.48
C GLY D 242 -21.44 -15.02 44.89
N THR D 243 -21.18 -13.74 45.12
CA THR D 243 -21.41 -13.10 46.41
C THR D 243 -22.68 -12.27 46.32
N LYS D 244 -23.63 -12.55 47.21
CA LYS D 244 -24.94 -11.90 47.20
C LYS D 244 -24.98 -10.80 48.25
N LEU D 245 -25.31 -9.59 47.81
CA LEU D 245 -25.50 -8.47 48.72
C LEU D 245 -26.98 -8.38 49.11
N GLU D 246 -27.22 -8.13 50.39
CA GLU D 246 -28.58 -8.09 50.93
C GLU D 246 -28.75 -6.85 51.80
N LEU D 247 -30.01 -6.50 52.05
CA LEU D 247 -30.39 -5.39 52.91
C LEU D 247 -29.80 -4.06 52.44
N ASP E 1 25.67 -56.20 -39.85
CA ASP E 1 26.89 -55.42 -39.68
C ASP E 1 26.85 -54.59 -38.41
N HIS E 2 25.90 -53.64 -38.36
CA HIS E 2 25.71 -52.78 -37.20
C HIS E 2 24.61 -53.27 -36.27
N PHE E 3 24.23 -54.54 -36.38
CA PHE E 3 23.15 -55.10 -35.56
C PHE E 3 23.52 -55.06 -34.09
N LEU E 4 22.57 -54.65 -33.26
CA LEU E 4 22.76 -54.60 -31.82
C LEU E 4 21.44 -54.92 -31.13
N GLU E 5 21.55 -55.45 -29.92
CA GLU E 5 20.41 -55.87 -29.13
C GLU E 5 20.26 -54.96 -27.91
N ILE E 6 19.50 -53.86 -28.09
CA ILE E 6 19.17 -53.01 -26.96
C ILE E 6 18.04 -53.62 -26.15
N ASP E 7 16.94 -53.97 -26.81
CA ASP E 7 15.88 -54.76 -26.21
C ASP E 7 15.61 -56.04 -26.99
N LYS E 8 16.55 -56.44 -27.85
CA LYS E 8 16.51 -57.56 -28.80
C LYS E 8 15.54 -57.22 -29.95
N LYS E 9 14.82 -56.12 -29.87
CA LYS E 9 14.12 -55.57 -31.03
C LYS E 9 15.16 -55.09 -32.03
N ASN E 10 15.16 -55.70 -33.22
CA ASN E 10 16.25 -55.57 -34.16
C ASN E 10 16.45 -54.12 -34.59
N CYS E 11 17.69 -53.66 -34.52
CA CYS E 11 18.06 -52.31 -34.94
C CYS E 11 19.57 -52.18 -35.03
N CYS E 12 20.01 -51.08 -35.63
CA CYS E 12 21.42 -50.85 -35.92
C CYS E 12 21.84 -49.49 -35.36
N VAL E 13 23.05 -49.46 -34.79
CA VAL E 13 23.65 -48.22 -34.29
C VAL E 13 24.94 -48.02 -35.07
N PHE E 14 25.16 -46.79 -35.54
CA PHE E 14 26.25 -46.48 -36.46
C PHE E 14 27.27 -45.57 -35.79
N ARG E 15 28.54 -45.86 -36.01
CA ARG E 15 29.64 -44.99 -35.60
C ARG E 15 30.34 -44.49 -36.85
N ASP E 16 30.43 -43.17 -36.99
CA ASP E 16 30.92 -42.56 -38.22
C ASP E 16 31.95 -41.49 -37.91
N ASP E 17 32.81 -41.24 -38.89
CA ASP E 17 33.87 -40.24 -38.76
C ASP E 17 33.43 -38.83 -39.14
N PHE E 18 32.40 -38.71 -39.98
CA PHE E 18 31.87 -37.38 -40.32
C PHE E 18 31.32 -36.68 -39.08
N ILE E 19 30.69 -37.44 -38.19
CA ILE E 19 30.24 -36.91 -36.91
C ILE E 19 31.40 -36.28 -36.15
N VAL E 20 32.50 -37.02 -36.03
CA VAL E 20 33.68 -36.53 -35.32
C VAL E 20 34.28 -35.33 -36.03
N LYS E 21 34.15 -35.28 -37.36
CA LYS E 21 34.73 -34.18 -38.11
C LYS E 21 33.96 -32.88 -37.90
N VAL E 22 32.63 -32.93 -37.91
CA VAL E 22 31.84 -31.70 -37.97
C VAL E 22 31.22 -31.34 -36.62
N LEU E 23 30.68 -32.30 -35.86
CA LEU E 23 29.91 -31.96 -34.66
C LEU E 23 30.74 -31.28 -33.56
N PRO E 24 31.91 -31.78 -33.14
CA PRO E 24 32.60 -31.21 -31.97
C PRO E 24 32.95 -29.74 -32.11
N PRO E 25 33.42 -29.25 -33.28
CA PRO E 25 33.72 -27.80 -33.34
C PRO E 25 32.49 -26.93 -33.24
N VAL E 26 31.40 -27.30 -33.93
CA VAL E 26 30.17 -26.53 -33.84
C VAL E 26 29.65 -26.53 -32.41
N LEU E 27 29.71 -27.69 -31.76
CA LEU E 27 29.25 -27.80 -30.38
C LEU E 27 30.11 -26.94 -29.44
N GLY E 28 31.42 -26.91 -29.66
CA GLY E 28 32.28 -26.08 -28.83
C GLY E 28 32.05 -24.60 -29.01
N LEU E 29 31.88 -24.16 -30.26
CA LEU E 29 31.57 -22.75 -30.51
C LEU E 29 30.23 -22.36 -29.90
N GLU E 30 29.23 -23.24 -30.03
CA GLU E 30 27.94 -22.98 -29.39
C GLU E 30 28.09 -22.93 -27.87
N PHE E 31 28.92 -23.80 -27.31
CA PHE E 31 29.15 -23.80 -25.87
C PHE E 31 29.72 -22.48 -25.41
N ILE E 32 30.76 -22.00 -26.09
CA ILE E 32 31.41 -20.75 -25.68
C ILE E 32 30.44 -19.57 -25.81
N PHE E 33 29.78 -19.45 -26.98
CA PHE E 33 28.91 -18.32 -27.21
C PHE E 33 27.71 -18.32 -26.26
N GLY E 34 27.05 -19.48 -26.13
CA GLY E 34 25.90 -19.56 -25.26
C GLY E 34 26.25 -19.40 -23.80
N LEU E 35 27.41 -19.90 -23.38
CA LEU E 35 27.85 -19.72 -22.00
C LEU E 35 28.06 -18.25 -21.70
N LEU E 36 28.73 -17.53 -22.60
CA LEU E 36 28.94 -16.10 -22.38
C LEU E 36 27.60 -15.35 -22.36
N GLY E 37 26.74 -15.61 -23.34
CA GLY E 37 25.46 -14.92 -23.40
C GLY E 37 24.57 -15.19 -22.21
N ASN E 38 24.47 -16.45 -21.80
CA ASN E 38 23.61 -16.81 -20.68
C ASN E 38 24.18 -16.32 -19.35
N GLY E 39 25.51 -16.36 -19.20
CA GLY E 39 26.11 -15.79 -18.01
C GLY E 39 25.85 -14.29 -17.90
N LEU E 40 25.97 -13.58 -19.02
CA LEU E 40 25.65 -12.16 -19.02
C LEU E 40 24.19 -11.93 -18.68
N ALA E 41 23.28 -12.69 -19.30
CA ALA E 41 21.86 -12.51 -19.06
C ALA E 41 21.53 -12.76 -17.60
N LEU E 42 22.06 -13.84 -17.02
CA LEU E 42 21.84 -14.10 -15.61
C LEU E 42 22.46 -13.03 -14.72
N TRP E 43 23.59 -12.45 -15.14
CA TRP E 43 24.21 -11.40 -14.36
C TRP E 43 23.31 -10.18 -14.26
N ILE E 44 22.80 -9.68 -15.39
CA ILE E 44 21.86 -8.56 -15.33
C ILE E 44 20.58 -8.95 -14.59
N PHE E 45 20.05 -10.16 -14.84
CA PHE E 45 18.81 -10.58 -14.19
C PHE E 45 18.94 -10.58 -12.67
N CYS E 46 20.09 -11.03 -12.15
CA CYS E 46 20.26 -11.15 -10.71
C CYS E 46 20.80 -9.87 -10.06
N PHE E 47 21.46 -8.99 -10.80
CA PHE E 47 22.10 -7.84 -10.18
C PHE E 47 21.56 -6.50 -10.68
N HIS E 48 21.45 -6.32 -12.00
CA HIS E 48 21.22 -5.00 -12.57
C HIS E 48 19.74 -4.68 -12.78
N LEU E 49 18.84 -5.52 -12.28
CA LEU E 49 17.41 -5.29 -12.40
C LEU E 49 16.88 -4.76 -11.08
N LYS E 50 16.28 -3.58 -11.09
CA LYS E 50 15.71 -3.03 -9.87
C LYS E 50 14.57 -3.90 -9.38
N SER E 51 13.73 -4.33 -10.31
CA SER E 51 12.58 -5.18 -10.00
C SER E 51 12.11 -5.91 -11.26
N TRP E 52 11.33 -6.97 -11.08
CA TRP E 52 10.81 -7.71 -12.22
C TRP E 52 9.35 -8.12 -12.06
N LYS E 53 8.72 -8.46 -13.18
CA LYS E 53 7.32 -8.87 -13.25
C LYS E 53 7.13 -10.26 -13.90
N SER E 54 5.96 -10.84 -13.71
CA SER E 54 5.67 -12.21 -14.11
C SER E 54 6.38 -12.60 -15.39
N SER E 55 6.34 -11.72 -16.40
CA SER E 55 7.05 -11.99 -17.64
C SER E 55 8.55 -12.03 -17.42
N ARG E 56 9.04 -11.20 -16.50
CA ARG E 56 10.46 -11.24 -16.19
C ARG E 56 10.85 -12.58 -15.58
N ILE E 57 10.02 -13.10 -14.69
CA ILE E 57 10.26 -14.40 -14.07
C ILE E 57 10.22 -15.49 -15.13
N PHE E 58 9.31 -15.40 -16.08
CA PHE E 58 9.20 -16.40 -17.13
C PHE E 58 10.45 -16.41 -17.98
N LEU E 59 10.95 -15.23 -18.28
CA LEU E 59 12.18 -15.10 -19.01
C LEU E 59 13.36 -15.63 -18.20
N PHE E 60 13.36 -15.38 -16.89
CA PHE E 60 14.41 -15.91 -16.03
C PHE E 60 14.42 -17.44 -16.01
N ASN E 61 13.23 -18.05 -15.98
CA ASN E 61 13.14 -19.50 -16.05
C ASN E 61 13.65 -20.02 -17.39
N LEU E 62 13.31 -19.33 -18.47
CA LEU E 62 13.86 -19.70 -19.78
C LEU E 62 15.38 -19.59 -19.79
N ALA E 63 15.93 -18.55 -19.17
CA ALA E 63 17.38 -18.36 -19.12
C ALA E 63 18.06 -19.46 -18.32
N VAL E 64 17.49 -19.84 -17.17
CA VAL E 64 18.14 -20.87 -16.36
C VAL E 64 18.03 -22.24 -17.04
N ALA E 65 16.92 -22.50 -17.74
CA ALA E 65 16.82 -23.73 -18.51
C ALA E 65 17.85 -23.76 -19.64
N ASP E 66 18.03 -22.62 -20.31
CA ASP E 66 19.03 -22.53 -21.35
C ASP E 66 20.43 -22.75 -20.80
N PHE E 67 20.73 -22.17 -19.63
CA PHE E 67 22.04 -22.34 -19.01
C PHE E 67 22.28 -23.79 -18.59
N LEU E 68 21.26 -24.44 -18.02
CA LEU E 68 21.40 -25.83 -17.62
C LEU E 68 21.54 -26.75 -18.82
N LEU E 69 21.00 -26.37 -19.97
CA LEU E 69 21.27 -27.12 -21.18
C LEU E 69 22.68 -26.85 -21.70
N ILE E 70 23.14 -25.61 -21.60
CA ILE E 70 24.40 -25.24 -22.24
C ILE E 70 25.61 -25.65 -21.43
N ILE E 71 25.45 -25.90 -20.13
CA ILE E 71 26.60 -26.29 -19.31
C ILE E 71 27.08 -27.70 -19.66
N CYS E 72 26.16 -28.59 -20.06
CA CYS E 72 26.45 -30.01 -20.17
C CYS E 72 26.91 -30.42 -21.57
N LEU E 73 27.39 -29.48 -22.39
CA LEU E 73 27.97 -29.80 -23.69
C LEU E 73 29.38 -30.39 -23.66
N PRO E 74 30.26 -30.06 -22.69
CA PRO E 74 31.55 -30.77 -22.62
C PRO E 74 31.42 -32.29 -22.58
N PHE E 75 30.39 -32.82 -21.92
CA PHE E 75 30.10 -34.24 -22.02
C PHE E 75 29.83 -34.65 -23.46
N LEU E 76 29.14 -33.79 -24.21
CA LEU E 76 28.88 -34.10 -25.62
C LEU E 76 30.16 -34.09 -26.45
N MET E 77 31.05 -33.10 -26.24
CA MET E 77 32.30 -33.13 -26.98
C MET E 77 33.10 -34.38 -26.64
N ASP E 78 33.08 -34.80 -25.36
CA ASP E 78 33.74 -36.04 -24.98
C ASP E 78 33.14 -37.25 -25.69
N ASN E 79 31.80 -37.28 -25.82
CA ASN E 79 31.16 -38.42 -26.46
C ASN E 79 31.44 -38.47 -27.96
N TYR E 80 31.26 -37.33 -28.64
CA TYR E 80 31.45 -37.30 -30.09
C TYR E 80 32.90 -37.47 -30.51
N VAL E 81 33.86 -36.97 -29.71
CA VAL E 81 35.26 -37.03 -30.16
C VAL E 81 35.75 -38.48 -30.23
N ARG E 82 35.09 -39.39 -29.52
CA ARG E 82 35.54 -40.78 -29.38
C ARG E 82 34.76 -41.73 -30.27
N ARG E 83 34.01 -41.23 -31.25
CA ARG E 83 33.14 -42.04 -32.11
C ARG E 83 32.13 -42.82 -31.27
N TRP E 84 31.30 -42.07 -30.54
CA TRP E 84 30.26 -42.60 -29.67
C TRP E 84 30.84 -43.61 -28.66
N ASP E 85 31.85 -43.14 -27.93
CA ASP E 85 32.46 -43.91 -26.85
C ASP E 85 32.40 -43.09 -25.58
N TRP E 86 31.95 -43.70 -24.50
CA TRP E 86 31.67 -43.01 -23.25
C TRP E 86 32.65 -43.50 -22.18
N LYS E 87 33.32 -42.55 -21.52
CA LYS E 87 34.29 -42.86 -20.47
C LYS E 87 33.93 -42.12 -19.20
N PHE E 88 32.66 -42.15 -18.84
CA PHE E 88 32.21 -41.49 -17.62
C PHE E 88 31.48 -42.40 -16.66
N GLY E 89 30.63 -43.30 -17.16
CA GLY E 89 29.91 -44.21 -16.29
C GLY E 89 28.41 -44.21 -16.47
N ASP E 90 27.68 -44.74 -15.48
CA ASP E 90 26.23 -44.84 -15.54
C ASP E 90 25.53 -43.57 -15.05
N ILE E 91 25.88 -43.13 -13.84
CA ILE E 91 25.25 -41.93 -13.27
C ILE E 91 25.52 -40.68 -14.09
N PRO E 92 26.76 -40.38 -14.52
CA PRO E 92 26.95 -39.19 -15.36
C PRO E 92 26.22 -39.25 -16.70
N CYS E 93 26.14 -40.42 -17.34
CA CYS E 93 25.40 -40.53 -18.59
C CYS E 93 23.91 -40.29 -18.36
N ARG E 94 23.36 -40.88 -17.28
CA ARG E 94 21.97 -40.62 -16.91
C ARG E 94 21.74 -39.13 -16.68
N LEU E 95 22.64 -38.49 -15.94
CA LEU E 95 22.50 -37.07 -15.63
C LEU E 95 22.55 -36.23 -16.89
N MET E 96 23.47 -36.55 -17.81
CA MET E 96 23.60 -35.75 -19.03
C MET E 96 22.37 -35.88 -19.91
N LEU E 97 21.87 -37.12 -20.08
CA LEU E 97 20.65 -37.31 -20.85
C LEU E 97 19.45 -36.61 -20.20
N PHE E 98 19.36 -36.71 -18.88
CA PHE E 98 18.26 -36.07 -18.15
C PHE E 98 18.30 -34.57 -18.31
N MET E 99 19.48 -33.97 -18.17
CA MET E 99 19.61 -32.53 -18.34
C MET E 99 19.24 -32.12 -19.76
N LEU E 100 19.72 -32.84 -20.77
CA LEU E 100 19.41 -32.49 -22.14
C LEU E 100 17.90 -32.49 -22.38
N ALA E 101 17.24 -33.61 -22.04
CA ALA E 101 15.81 -33.74 -22.35
C ALA E 101 14.98 -32.76 -21.54
N MET E 102 15.21 -32.69 -20.22
CA MET E 102 14.42 -31.83 -19.36
C MET E 102 14.61 -30.37 -19.72
N ASN E 103 15.86 -29.94 -19.98
CA ASN E 103 16.11 -28.54 -20.29
C ASN E 103 15.53 -28.15 -21.65
N ARG E 104 15.62 -29.04 -22.64
CA ARG E 104 15.03 -28.75 -23.93
C ARG E 104 13.52 -28.59 -23.84
N GLN E 105 12.86 -29.54 -23.17
CA GLN E 105 11.40 -29.46 -23.04
C GLN E 105 10.97 -28.26 -22.21
N GLY E 106 11.72 -27.95 -21.15
CA GLY E 106 11.38 -26.79 -20.34
C GLY E 106 11.58 -25.48 -21.08
N SER E 107 12.63 -25.40 -21.89
CA SER E 107 12.85 -24.20 -22.71
C SER E 107 11.69 -24.01 -23.69
N ILE E 108 11.25 -25.10 -24.34
CA ILE E 108 10.14 -24.96 -25.28
C ILE E 108 8.85 -24.59 -24.55
N ILE E 109 8.59 -25.20 -23.40
CA ILE E 109 7.39 -24.87 -22.63
C ILE E 109 7.40 -23.41 -22.22
N PHE E 110 8.55 -22.90 -21.78
CA PHE E 110 8.60 -21.50 -21.34
C PHE E 110 8.56 -20.52 -22.51
N LEU E 111 9.06 -20.91 -23.69
CA LEU E 111 8.84 -20.11 -24.88
C LEU E 111 7.35 -20.01 -25.19
N THR E 112 6.64 -21.14 -25.09
CA THR E 112 5.19 -21.12 -25.32
C THR E 112 4.47 -20.26 -24.29
N VAL E 113 4.90 -20.32 -23.03
CA VAL E 113 4.29 -19.49 -21.98
C VAL E 113 4.54 -18.01 -22.25
N VAL E 114 5.75 -17.66 -22.70
CA VAL E 114 6.04 -16.27 -23.05
C VAL E 114 5.15 -15.81 -24.21
N ALA E 115 4.98 -16.68 -25.21
CA ALA E 115 4.11 -16.34 -26.34
C ALA E 115 2.67 -16.13 -25.90
N VAL E 116 2.17 -16.99 -25.03
CA VAL E 116 0.79 -16.85 -24.54
C VAL E 116 0.64 -15.59 -23.69
N ASP E 117 1.67 -15.26 -22.90
CA ASP E 117 1.64 -14.04 -22.12
C ASP E 117 1.57 -12.81 -23.02
N ARG E 118 2.36 -12.79 -24.10
CA ARG E 118 2.31 -11.68 -25.04
C ARG E 118 0.95 -11.63 -25.74
N TYR E 119 0.40 -12.80 -26.08
CA TYR E 119 -0.94 -12.88 -26.66
C TYR E 119 -1.98 -12.24 -25.75
N PHE E 120 -1.93 -12.53 -24.46
CA PHE E 120 -2.91 -11.95 -23.55
C PHE E 120 -2.66 -10.48 -23.28
N ARG E 121 -1.40 -10.05 -23.30
CA ARG E 121 -1.12 -8.62 -23.10
C ARG E 121 -1.58 -7.78 -24.28
N VAL E 122 -1.51 -8.31 -25.49
CA VAL E 122 -1.88 -7.51 -26.66
C VAL E 122 -3.35 -7.70 -27.01
N VAL E 123 -3.75 -8.97 -27.25
CA VAL E 123 -5.07 -9.22 -27.81
C VAL E 123 -6.18 -8.95 -26.79
N HIS E 124 -5.96 -9.32 -25.52
CA HIS E 124 -6.95 -9.17 -24.46
C HIS E 124 -6.35 -8.34 -23.34
N PRO E 125 -6.18 -7.03 -23.55
CA PRO E 125 -5.40 -6.23 -22.60
C PRO E 125 -5.98 -6.17 -21.20
N HIS E 126 -7.29 -6.22 -21.06
CA HIS E 126 -7.95 -6.06 -19.77
C HIS E 126 -8.18 -7.38 -19.03
N HIS E 127 -7.67 -8.48 -19.57
CA HIS E 127 -7.82 -9.77 -18.90
C HIS E 127 -7.09 -9.77 -17.56
N ALA E 128 -7.66 -10.48 -16.58
CA ALA E 128 -7.07 -10.53 -15.26
C ALA E 128 -5.77 -11.31 -15.23
N LEU E 129 -5.48 -12.09 -16.26
CA LEU E 129 -4.24 -12.85 -16.31
C LEU E 129 -3.02 -11.95 -16.46
N ASN E 130 -3.21 -10.74 -17.00
CA ASN E 130 -2.10 -9.81 -17.16
C ASN E 130 -1.68 -9.18 -15.84
N LYS E 131 -2.53 -9.24 -14.82
CA LYS E 131 -2.27 -8.60 -13.53
C LYS E 131 -1.92 -9.61 -12.44
N ILE E 132 -1.51 -10.83 -12.81
CA ILE E 132 -1.13 -11.82 -11.82
C ILE E 132 0.14 -11.39 -11.11
N SER E 133 0.23 -11.67 -9.82
CA SER E 133 1.35 -11.25 -9.01
C SER E 133 2.57 -12.13 -9.29
N ASN E 134 3.68 -11.81 -8.62
CA ASN E 134 4.89 -12.62 -8.79
C ASN E 134 4.70 -14.00 -8.21
N ARG E 135 3.94 -14.12 -7.12
CA ARG E 135 3.75 -15.40 -6.47
C ARG E 135 3.00 -16.38 -7.37
N THR E 136 1.92 -15.91 -8.00
CA THR E 136 1.13 -16.79 -8.86
C THR E 136 1.97 -17.33 -10.01
N ALA E 137 2.77 -16.46 -10.63
CA ALA E 137 3.67 -16.92 -11.68
C ALA E 137 4.75 -17.85 -11.11
N ALA E 138 5.11 -17.69 -9.83
CA ALA E 138 6.07 -18.60 -9.21
C ALA E 138 5.52 -20.01 -9.11
N ILE E 139 4.29 -20.16 -8.61
CA ILE E 139 3.67 -21.49 -8.59
C ILE E 139 3.45 -22.01 -10.01
N ILE E 140 3.12 -21.13 -10.96
CA ILE E 140 2.95 -21.58 -12.35
C ILE E 140 4.26 -22.15 -12.89
N SER E 141 5.36 -21.45 -12.63
CA SER E 141 6.68 -21.91 -13.06
C SER E 141 7.05 -23.21 -12.37
N CYS E 142 6.73 -23.33 -11.08
CA CYS E 142 7.03 -24.57 -10.36
C CYS E 142 6.26 -25.75 -10.93
N LEU E 143 4.99 -25.55 -11.28
CA LEU E 143 4.22 -26.63 -11.87
C LEU E 143 4.72 -27.01 -13.26
N LEU E 144 5.14 -26.02 -14.06
CA LEU E 144 5.69 -26.35 -15.38
C LEU E 144 7.02 -27.11 -15.25
N TRP E 145 7.89 -26.67 -14.34
CA TRP E 145 9.11 -27.42 -14.06
C TRP E 145 8.78 -28.83 -13.59
N GLY E 146 7.73 -28.95 -12.76
CA GLY E 146 7.36 -30.26 -12.25
C GLY E 146 6.86 -31.20 -13.33
N ILE E 147 6.05 -30.69 -14.26
CA ILE E 147 5.56 -31.58 -15.33
C ILE E 147 6.69 -31.97 -16.27
N THR E 148 7.64 -31.04 -16.51
CA THR E 148 8.82 -31.40 -17.30
C THR E 148 9.64 -32.48 -16.60
N ILE E 149 9.85 -32.33 -15.29
CA ILE E 149 10.59 -33.33 -14.52
C ILE E 149 9.86 -34.66 -14.54
N GLY E 150 8.54 -34.65 -14.38
CA GLY E 150 7.78 -35.87 -14.37
C GLY E 150 7.82 -36.60 -15.70
N LEU E 151 7.86 -35.85 -16.79
CA LEU E 151 8.01 -36.48 -18.10
C LEU E 151 9.44 -36.92 -18.38
N THR E 152 10.43 -36.38 -17.66
CA THR E 152 11.82 -36.68 -17.98
C THR E 152 12.48 -37.70 -17.03
N VAL E 153 11.88 -37.97 -15.87
CA VAL E 153 12.50 -38.84 -14.85
C VAL E 153 12.85 -40.23 -15.38
N HIS E 154 12.07 -40.75 -16.33
CA HIS E 154 12.17 -42.16 -16.70
C HIS E 154 13.53 -42.54 -17.28
N LEU E 155 14.35 -41.56 -17.67
CA LEU E 155 15.68 -41.85 -18.18
C LEU E 155 16.60 -42.43 -17.11
N LEU E 156 16.41 -42.01 -15.85
CA LEU E 156 17.30 -42.45 -14.78
C LEU E 156 17.04 -43.91 -14.39
N LYS E 157 15.81 -44.39 -14.56
CA LYS E 157 15.44 -45.71 -14.10
C LYS E 157 16.03 -46.84 -14.95
N LYS E 158 16.65 -46.52 -16.09
CA LYS E 158 17.19 -47.53 -17.00
C LYS E 158 18.70 -47.55 -16.90
N LYS E 159 19.28 -48.75 -16.80
CA LYS E 159 20.73 -48.87 -16.72
C LYS E 159 21.37 -48.48 -18.04
N MET E 160 22.45 -47.71 -17.96
CA MET E 160 23.10 -47.07 -19.08
C MET E 160 24.60 -47.07 -18.80
N PRO E 161 25.46 -47.12 -19.84
CA PRO E 161 25.38 -47.14 -21.30
C PRO E 161 25.30 -48.53 -21.93
N ILE E 162 24.98 -48.54 -23.22
CA ILE E 162 24.82 -49.79 -23.95
C ILE E 162 26.18 -50.29 -24.42
N GLN E 163 26.44 -51.57 -24.20
CA GLN E 163 27.72 -52.19 -24.58
C GLN E 163 27.61 -52.66 -26.03
N ASN E 164 28.04 -51.78 -26.95
CA ASN E 164 28.04 -52.15 -28.36
C ASN E 164 29.10 -53.20 -28.67
N GLY E 165 30.22 -53.14 -27.97
CA GLY E 165 31.37 -53.96 -28.29
C GLY E 165 32.48 -53.10 -28.83
N GLY E 166 33.44 -52.76 -27.97
CA GLY E 166 34.47 -51.80 -28.31
C GLY E 166 34.04 -50.35 -28.16
N ALA E 167 32.78 -50.10 -27.81
CA ALA E 167 32.28 -48.73 -27.65
C ALA E 167 31.08 -48.75 -26.74
N ASN E 168 30.79 -47.59 -26.15
CA ASN E 168 29.67 -47.41 -25.25
C ASN E 168 28.83 -46.23 -25.72
N LEU E 169 27.51 -46.44 -25.82
CA LEU E 169 26.59 -45.42 -26.30
C LEU E 169 25.91 -44.72 -25.15
N CYS E 170 26.07 -43.39 -25.09
CA CYS E 170 25.42 -42.57 -24.09
C CYS E 170 24.16 -41.90 -24.63
N SER E 171 23.71 -42.31 -25.81
CA SER E 171 22.59 -41.69 -26.51
C SER E 171 21.38 -42.60 -26.48
N SER E 172 20.22 -42.03 -26.17
CA SER E 172 18.98 -42.78 -26.12
C SER E 172 18.18 -42.72 -27.40
N PHE E 173 18.62 -41.95 -28.41
CA PHE E 173 17.92 -41.88 -29.69
C PHE E 173 18.31 -43.08 -30.54
N SER E 174 17.63 -44.19 -30.30
CA SER E 174 17.79 -45.41 -31.08
C SER E 174 16.48 -45.70 -31.80
N ILE E 175 16.61 -46.31 -32.98
CA ILE E 175 15.46 -46.58 -33.84
C ILE E 175 15.32 -48.10 -33.98
N CYS E 176 14.54 -48.71 -33.08
CA CYS E 176 14.40 -50.16 -33.05
C CYS E 176 12.93 -50.55 -33.16
N HIS E 177 12.43 -50.57 -34.40
CA HIS E 177 11.21 -51.25 -34.85
C HIS E 177 10.06 -51.28 -33.85
N THR E 178 9.74 -50.14 -33.24
CA THR E 178 8.66 -50.10 -32.26
C THR E 178 8.17 -48.67 -32.12
N PHE E 179 7.07 -48.51 -31.39
CA PHE E 179 6.51 -47.21 -31.05
C PHE E 179 6.69 -46.99 -29.56
N GLN E 180 7.60 -46.09 -29.20
CA GLN E 180 7.82 -45.70 -27.82
C GLN E 180 7.21 -44.33 -27.57
N TRP E 181 6.73 -44.12 -26.35
CA TRP E 181 5.94 -42.92 -26.06
C TRP E 181 6.79 -41.65 -26.13
N HIS E 182 8.04 -41.71 -25.69
CA HIS E 182 8.87 -40.50 -25.72
C HIS E 182 9.31 -40.18 -27.14
N GLU E 183 9.45 -41.18 -28.00
CA GLU E 183 9.84 -40.91 -29.39
C GLU E 183 8.76 -40.10 -30.11
N ALA E 184 7.49 -40.46 -29.91
CA ALA E 184 6.39 -39.68 -30.49
C ALA E 184 6.16 -38.39 -29.74
N MET E 185 6.41 -38.38 -28.42
CA MET E 185 6.30 -37.15 -27.66
C MET E 185 7.34 -36.13 -28.11
N PHE E 186 8.46 -36.59 -28.66
CA PHE E 186 9.45 -35.67 -29.22
C PHE E 186 8.87 -34.86 -30.38
N LEU E 187 8.10 -35.51 -31.26
CA LEU E 187 7.42 -34.78 -32.31
C LEU E 187 6.26 -33.97 -31.77
N LEU E 188 5.59 -34.45 -30.72
CA LEU E 188 4.46 -33.73 -30.15
C LEU E 188 4.89 -32.41 -29.54
N GLU E 189 6.04 -32.42 -28.86
CA GLU E 189 6.49 -31.23 -28.17
C GLU E 189 6.63 -30.11 -29.17
N PHE E 190 7.05 -30.47 -30.38
CA PHE E 190 7.27 -29.48 -31.42
C PHE E 190 6.00 -29.13 -32.17
N PHE E 191 5.15 -30.11 -32.48
CA PHE E 191 3.94 -29.84 -33.24
C PHE E 191 2.96 -28.97 -32.46
N LEU E 192 2.78 -29.25 -31.16
CA LEU E 192 1.85 -28.45 -30.37
C LEU E 192 2.37 -27.03 -30.10
N PRO E 193 3.57 -26.82 -29.56
CA PRO E 193 4.02 -25.44 -29.33
C PRO E 193 4.18 -24.65 -30.61
N LEU E 194 4.48 -25.30 -31.73
CA LEU E 194 4.52 -24.58 -33.00
C LEU E 194 3.15 -24.00 -33.33
N GLY E 195 2.10 -24.80 -33.17
CA GLY E 195 0.76 -24.31 -33.41
C GLY E 195 0.38 -23.19 -32.48
N ILE E 196 0.70 -23.33 -31.19
CA ILE E 196 0.36 -22.29 -30.23
C ILE E 196 1.10 -20.99 -30.55
N ILE E 197 2.40 -21.09 -30.84
CA ILE E 197 3.20 -19.91 -31.13
C ILE E 197 2.72 -19.23 -32.41
N LEU E 198 2.43 -20.01 -33.46
CA LEU E 198 1.95 -19.42 -34.70
C LEU E 198 0.59 -18.74 -34.51
N PHE E 199 -0.31 -19.39 -33.78
CA PHE E 199 -1.63 -18.79 -33.54
C PHE E 199 -1.50 -17.48 -32.76
N CYS E 200 -0.75 -17.51 -31.66
CA CYS E 200 -0.59 -16.30 -30.84
C CYS E 200 0.10 -15.19 -31.63
N SER E 201 1.17 -15.52 -32.35
CA SER E 201 1.91 -14.51 -33.10
C SER E 201 1.06 -13.90 -34.20
N ALA E 202 0.37 -14.75 -34.98
CA ALA E 202 -0.45 -14.24 -36.07
C ALA E 202 -1.59 -13.38 -35.56
N ARG E 203 -2.23 -13.79 -34.45
CA ARG E 203 -3.29 -12.97 -33.90
C ARG E 203 -2.75 -11.66 -33.34
N ILE E 204 -1.53 -11.67 -32.81
CA ILE E 204 -0.91 -10.42 -32.37
C ILE E 204 -0.66 -9.48 -33.55
N ILE E 205 -0.16 -10.03 -34.67
CA ILE E 205 0.05 -9.19 -35.86
C ILE E 205 -1.27 -8.61 -36.33
N TRP E 206 -2.30 -9.44 -36.40
CA TRP E 206 -3.61 -8.98 -36.88
C TRP E 206 -4.19 -7.92 -35.94
N SER E 207 -4.01 -8.10 -34.63
CA SER E 207 -4.54 -7.12 -33.67
C SER E 207 -3.80 -5.80 -33.76
N LEU E 208 -2.47 -5.84 -33.76
CA LEU E 208 -1.69 -4.61 -33.81
C LEU E 208 -1.80 -3.92 -35.17
N ARG E 209 -2.25 -4.61 -36.21
CA ARG E 209 -2.52 -3.95 -37.48
C ARG E 209 -3.95 -3.42 -37.56
N GLN E 210 -4.91 -4.13 -36.96
CA GLN E 210 -6.30 -3.68 -37.01
C GLN E 210 -6.53 -2.49 -36.10
N ARG E 211 -5.72 -2.34 -35.04
CA ARG E 211 -5.79 -1.18 -34.17
C ARG E 211 -5.00 0.01 -34.73
N GLN E 212 -4.40 -0.14 -35.91
CA GLN E 212 -3.63 0.91 -36.58
C GLN E 212 -2.46 1.39 -35.74
N MET E 213 -1.94 0.51 -34.89
CA MET E 213 -0.80 0.83 -34.05
C MET E 213 0.54 0.57 -34.74
N ASP E 214 0.53 0.03 -35.95
CA ASP E 214 1.77 -0.29 -36.65
C ASP E 214 2.51 0.96 -37.13
N ARG E 215 1.89 2.13 -37.06
CA ARG E 215 2.57 3.35 -37.47
C ARG E 215 3.75 3.67 -36.56
N HIS E 216 3.68 3.26 -35.29
CA HIS E 216 4.78 3.46 -34.37
C HIS E 216 5.98 2.61 -34.77
N ALA E 217 7.18 3.18 -34.59
CA ALA E 217 8.40 2.44 -34.93
C ALA E 217 8.65 1.30 -33.95
N LYS E 218 8.40 1.53 -32.66
CA LYS E 218 8.60 0.48 -31.67
C LYS E 218 7.64 -0.69 -31.88
N ILE E 219 6.43 -0.42 -32.34
CA ILE E 219 5.49 -1.49 -32.66
C ILE E 219 6.02 -2.33 -33.82
N LYS E 220 6.57 -1.67 -34.85
CA LYS E 220 7.18 -2.41 -35.96
C LYS E 220 8.35 -3.24 -35.48
N ARG E 221 9.16 -2.70 -34.57
CA ARG E 221 10.26 -3.46 -33.99
C ARG E 221 9.76 -4.70 -33.26
N ALA E 222 8.67 -4.55 -32.49
CA ALA E 222 8.10 -5.69 -31.78
C ALA E 222 7.55 -6.73 -32.76
N ILE E 223 6.91 -6.29 -33.83
CA ILE E 223 6.41 -7.20 -34.85
C ILE E 223 7.57 -7.99 -35.46
N THR E 224 8.66 -7.29 -35.78
CA THR E 224 9.83 -7.94 -36.33
C THR E 224 10.42 -8.96 -35.36
N PHE E 225 10.48 -8.60 -34.07
CA PHE E 225 11.03 -9.52 -33.07
C PHE E 225 10.18 -10.77 -32.92
N ILE E 226 8.85 -10.62 -32.92
CA ILE E 226 7.97 -11.79 -32.83
C ILE E 226 8.15 -12.68 -34.05
N MET E 227 8.20 -12.09 -35.24
CA MET E 227 8.44 -12.87 -36.45
C MET E 227 9.78 -13.59 -36.38
N VAL E 228 10.80 -12.91 -35.86
CA VAL E 228 12.14 -13.49 -35.77
C VAL E 228 12.16 -14.68 -34.83
N VAL E 229 11.54 -14.56 -33.65
CA VAL E 229 11.59 -15.67 -32.70
C VAL E 229 10.79 -16.86 -33.23
N ALA E 230 9.65 -16.61 -33.89
CA ALA E 230 8.89 -17.70 -34.48
C ALA E 230 9.70 -18.41 -35.56
N ILE E 231 10.37 -17.63 -36.43
CA ILE E 231 11.16 -18.20 -37.51
C ILE E 231 12.32 -19.00 -36.95
N VAL E 232 12.97 -18.50 -35.89
CA VAL E 232 14.09 -19.21 -35.28
C VAL E 232 13.64 -20.55 -34.72
N PHE E 233 12.50 -20.57 -34.02
CA PHE E 233 11.97 -21.83 -33.50
C PHE E 233 11.71 -22.82 -34.62
N VAL E 234 11.08 -22.35 -35.70
CA VAL E 234 10.74 -23.25 -36.81
C VAL E 234 12.00 -23.82 -37.45
N ILE E 235 12.95 -22.94 -37.80
CA ILE E 235 14.12 -23.40 -38.54
C ILE E 235 15.07 -24.21 -37.67
N CYS E 236 14.95 -24.10 -36.34
CA CYS E 236 15.84 -24.88 -35.49
C CYS E 236 15.20 -26.16 -34.95
N PHE E 237 13.88 -26.31 -35.01
CA PHE E 237 13.26 -27.56 -34.60
C PHE E 237 12.57 -28.32 -35.72
N LEU E 238 12.61 -27.85 -36.97
CA LEU E 238 12.01 -28.63 -38.04
C LEU E 238 12.87 -29.77 -38.58
N PRO E 239 14.15 -29.58 -38.93
CA PRO E 239 14.86 -30.62 -39.71
C PRO E 239 15.02 -31.95 -38.98
N SER E 240 15.22 -31.91 -37.66
CA SER E 240 15.31 -33.16 -36.91
C SER E 240 14.00 -33.92 -36.96
N VAL E 241 12.88 -33.19 -36.88
CA VAL E 241 11.56 -33.82 -36.98
C VAL E 241 11.38 -34.42 -38.37
N VAL E 242 11.80 -33.70 -39.41
CA VAL E 242 11.67 -34.22 -40.78
C VAL E 242 12.46 -35.53 -40.91
N VAL E 243 13.69 -35.55 -40.41
CA VAL E 243 14.50 -36.76 -40.46
C VAL E 243 13.84 -37.88 -39.66
N ARG E 244 13.20 -37.54 -38.53
CA ARG E 244 12.58 -38.57 -37.70
C ARG E 244 11.39 -39.23 -38.39
N ILE E 245 10.50 -38.44 -39.02
CA ILE E 245 9.41 -39.08 -39.77
C ILE E 245 9.93 -39.83 -40.99
N ARG E 246 10.99 -39.35 -41.65
CA ARG E 246 11.49 -40.14 -42.78
C ARG E 246 12.05 -41.47 -42.28
N ILE E 247 12.67 -41.46 -41.10
CA ILE E 247 13.15 -42.68 -40.46
C ILE E 247 11.99 -43.60 -40.12
N PHE E 248 10.88 -43.03 -39.65
CA PHE E 248 9.70 -43.83 -39.33
C PHE E 248 9.14 -44.50 -40.58
N TRP E 249 9.10 -43.76 -41.70
CA TRP E 249 8.69 -44.32 -42.98
C TRP E 249 9.60 -45.47 -43.38
N LEU E 250 10.91 -45.29 -43.21
CA LEU E 250 11.87 -46.33 -43.57
C LEU E 250 11.73 -47.56 -42.68
N LEU E 251 11.53 -47.35 -41.37
CA LEU E 251 11.36 -48.47 -40.45
C LEU E 251 10.11 -49.27 -40.76
N HIS E 252 9.01 -48.58 -41.09
CA HIS E 252 7.81 -49.30 -41.51
C HIS E 252 8.05 -50.06 -42.81
N THR E 253 8.71 -49.42 -43.77
CA THR E 253 8.83 -50.02 -45.09
C THR E 253 9.94 -51.06 -45.16
N SER E 254 11.19 -50.61 -44.98
CA SER E 254 12.32 -51.53 -45.09
C SER E 254 12.49 -52.41 -43.86
N GLY E 255 12.15 -51.90 -42.68
CA GLY E 255 12.45 -52.61 -41.46
C GLY E 255 13.92 -52.52 -41.12
N THR E 256 14.31 -53.23 -40.06
CA THR E 256 15.70 -53.27 -39.66
C THR E 256 16.42 -54.48 -40.22
N GLN E 257 16.39 -54.59 -41.54
CA GLN E 257 17.18 -55.55 -42.28
C GLN E 257 17.86 -54.82 -43.43
N ASN E 258 19.12 -55.16 -43.68
CA ASN E 258 19.97 -54.44 -44.63
C ASN E 258 20.07 -52.97 -44.24
N CYS E 259 20.68 -52.74 -43.08
CA CYS E 259 20.79 -51.45 -42.41
C CYS E 259 21.64 -50.42 -43.15
N GLU E 260 22.16 -50.70 -44.35
CA GLU E 260 23.03 -49.75 -45.04
C GLU E 260 22.28 -48.50 -45.52
N VAL E 261 20.96 -48.49 -45.47
CA VAL E 261 20.20 -47.33 -45.94
C VAL E 261 19.95 -46.31 -44.84
N TYR E 262 20.05 -46.70 -43.57
CA TYR E 262 19.76 -45.81 -42.46
C TYR E 262 20.91 -44.89 -42.08
N ARG E 263 22.10 -45.10 -42.65
CA ARG E 263 23.29 -44.39 -42.18
C ARG E 263 23.21 -42.89 -42.46
N SER E 264 22.70 -42.51 -43.63
CA SER E 264 22.62 -41.10 -43.99
C SER E 264 21.72 -40.33 -43.04
N VAL E 265 20.53 -40.87 -42.77
CA VAL E 265 19.62 -40.19 -41.85
C VAL E 265 20.12 -40.29 -40.41
N ASP E 266 20.89 -41.33 -40.08
CA ASP E 266 21.49 -41.40 -38.76
C ASP E 266 22.47 -40.25 -38.54
N LEU E 267 23.31 -39.97 -39.54
CA LEU E 267 24.18 -38.79 -39.47
C LEU E 267 23.36 -37.50 -39.45
N ALA E 268 22.31 -37.46 -40.26
CA ALA E 268 21.50 -36.25 -40.39
C ALA E 268 20.81 -35.88 -39.09
N PHE E 269 20.38 -36.87 -38.31
CA PHE E 269 19.65 -36.57 -37.08
C PHE E 269 20.51 -35.81 -36.09
N PHE E 270 21.78 -36.21 -35.94
CA PHE E 270 22.65 -35.47 -35.03
C PHE E 270 23.10 -34.15 -35.63
N ILE E 271 23.24 -34.09 -36.96
CA ILE E 271 23.50 -32.81 -37.62
C ILE E 271 22.39 -31.81 -37.29
N THR E 272 21.15 -32.27 -37.29
CA THR E 272 20.01 -31.40 -36.96
C THR E 272 19.91 -31.11 -35.47
N LEU E 273 20.30 -32.06 -34.62
CA LEU E 273 20.35 -31.77 -33.19
C LEU E 273 21.35 -30.66 -32.89
N SER E 274 22.39 -30.55 -33.71
CA SER E 274 23.28 -29.39 -33.60
C SER E 274 22.52 -28.07 -33.80
N PHE E 275 21.61 -28.03 -34.76
CA PHE E 275 20.78 -26.84 -34.94
C PHE E 275 19.84 -26.63 -33.76
N THR E 276 19.37 -27.72 -33.17
CA THR E 276 18.56 -27.62 -31.97
C THR E 276 19.34 -26.92 -30.85
N TYR E 277 20.61 -27.26 -30.67
CA TYR E 277 21.44 -26.52 -29.70
C TYR E 277 21.68 -25.09 -30.16
N MET E 278 21.76 -24.86 -31.47
CA MET E 278 21.96 -23.51 -31.99
C MET E 278 20.80 -22.60 -31.58
N ASN E 279 19.59 -23.15 -31.51
CA ASN E 279 18.45 -22.36 -31.04
C ASN E 279 18.67 -21.89 -29.61
N SER E 280 19.16 -22.78 -28.75
CA SER E 280 19.45 -22.39 -27.37
C SER E 280 20.58 -21.37 -27.31
N MET E 281 21.52 -21.44 -28.25
CA MET E 281 22.55 -20.42 -28.33
C MET E 281 21.96 -19.05 -28.68
N LEU E 282 21.03 -19.01 -29.65
CA LEU E 282 20.47 -17.75 -30.11
C LEU E 282 19.35 -17.20 -29.24
N ASP E 283 18.81 -17.99 -28.30
CA ASP E 283 17.73 -17.50 -27.45
C ASP E 283 18.06 -16.23 -26.66
N PRO E 284 19.22 -16.10 -25.99
CA PRO E 284 19.45 -14.86 -25.20
C PRO E 284 19.51 -13.60 -26.04
N VAL E 285 20.28 -13.62 -27.15
CA VAL E 285 20.46 -12.42 -27.95
C VAL E 285 19.15 -11.98 -28.60
N VAL E 286 18.19 -12.89 -28.77
CA VAL E 286 16.92 -12.53 -29.39
C VAL E 286 15.82 -12.27 -28.35
N TYR E 287 16.03 -12.66 -27.09
CA TYR E 287 15.01 -12.46 -26.07
C TYR E 287 15.34 -11.35 -25.08
N TYR E 288 16.54 -11.38 -24.48
CA TYR E 288 16.87 -10.43 -23.42
C TYR E 288 17.65 -9.22 -23.93
N PHE E 289 18.69 -9.44 -24.73
CA PHE E 289 19.52 -8.33 -25.19
C PHE E 289 18.78 -7.44 -26.18
N SER E 290 17.77 -7.95 -26.86
CA SER E 290 17.03 -7.18 -27.85
C SER E 290 15.77 -6.56 -27.24
N SER E 291 16.00 -5.77 -26.19
CA SER E 291 14.94 -5.05 -25.51
C SER E 291 15.42 -3.63 -25.22
N PRO E 292 14.52 -2.65 -25.26
CA PRO E 292 14.92 -1.26 -24.94
C PRO E 292 15.41 -1.10 -23.51
N SER E 293 15.04 -1.99 -22.59
CA SER E 293 15.50 -1.88 -21.21
C SER E 293 17.01 -2.06 -21.11
N PHE E 294 17.57 -2.99 -21.89
CA PHE E 294 19.00 -3.23 -21.85
C PHE E 294 19.78 -2.05 -22.43
N ASN E 295 20.94 -1.79 -21.84
CA ASN E 295 21.81 -0.71 -22.30
C ASN E 295 22.89 -1.24 -23.25
C10 FI7 F . 10.69 -35.48 -23.38
C13 FI7 F . 9.85 -37.48 -22.38
C17 FI7 F . 19.00 -38.19 -25.88
C20 FI7 F . 21.06 -37.07 -27.12
C21 FI7 F . 21.38 -36.02 -27.91
C22 FI7 F . 20.47 -34.75 -27.87
C26 FI7 F . 23.63 -37.17 -28.52
C28 FI7 F . 22.19 -38.02 -26.67
C01 FI7 F . 17.85 -38.28 -23.61
C02 FI7 F . 17.63 -38.00 -25.10
C03 FI7 F . 17.17 -36.57 -25.33
C04 FI7 F . 16.51 -39.01 -25.58
C05 FI7 F . 15.15 -38.95 -24.81
C07 FI7 F . 13.22 -38.39 -23.89
C08 FI7 F . 11.98 -37.57 -23.47
C09 FI7 F . 11.83 -36.19 -23.78
C11 FI7 F . 9.68 -36.11 -22.67
C25 FI7 F . 22.68 -35.95 -28.70
C27 FI7 F . 23.63 -37.60 -27.07
N06 FI7 F . 14.32 -37.93 -24.69
N14 FI7 F . 10.96 -38.18 -22.77
N15 FI7 F . 13.44 -39.69 -23.57
N19 FI7 F . 19.77 -37.10 -26.39
O12 FI7 F . 8.53 -35.42 -22.27
O16 FI7 F . 14.65 -40.08 -24.13
O18 FI7 F . 19.38 -39.36 -26.02
O23 FI7 F . 20.63 -33.85 -28.75
O24 FI7 F . 19.57 -34.61 -26.94
C1 NAG G . 13.37 -59.22 -35.11
C2 NAG G . 12.46 -59.51 -33.92
C3 NAG G . 12.46 -60.99 -33.58
C4 NAG G . 12.22 -61.84 -34.82
C5 NAG G . 13.16 -61.42 -35.96
C6 NAG G . 12.87 -62.22 -37.22
C7 NAG G . 12.45 -59.00 -31.55
C8 NAG G . 13.40 -59.77 -30.68
N2 NAG G . 12.89 -58.73 -32.78
O3 NAG G . 11.43 -61.26 -32.62
O4 NAG G . 12.45 -63.22 -34.51
O5 NAG G . 12.97 -60.03 -36.22
O6 NAG G . 12.34 -63.50 -36.87
O7 NAG G . 11.35 -58.65 -31.16
#